data_9MUK
#
_entry.id   9MUK
#
_cell.length_a   221.840
_cell.length_b   62.152
_cell.length_c   98.041
_cell.angle_alpha   90.00
_cell.angle_beta   114.21
_cell.angle_gamma   90.00
#
_symmetry.space_group_name_H-M   'C 1 2 1'
#
loop_
_entity.id
_entity.type
_entity.pdbx_description
1 polymer '23S rRNA methyltransferase'
2 non-polymer 'CITRIC ACID'
3 water water
#
_entity_poly.entity_id   1
_entity_poly.type   'polypeptide(L)'
_entity_poly.pdbx_seq_one_letter_code
;MGSSHHHHHHSSGLVPRGSHMRIESPQNPRVKALAALKERKERERTGRFLVEGRREVERALEAGLSLETLLLGPKARPED
RALAGGAEVLELSERALARVSARENPAQVLGVFRLPRRSLAGVTLGAAPLVLVLLGLEKPGNLGAILRAADGAGADLVLV
AEGVDLFSPQVIRNSTGAVFALPVYPVAEEEAARFLEEQNLPLVAATPEGERLYWEGDYRGGVAFLLGAEDKGLPEAWKR
RAQVRVRIPMRGRADSLNVAVTAALLLYEALRQRSGGAPL
;
_entity_poly.pdbx_strand_id   A,B,C,D
#
loop_
_chem_comp.id
_chem_comp.type
_chem_comp.name
_chem_comp.formula
CIT non-polymer 'CITRIC ACID' 'C6 H8 O7'
#
# COMPACT_ATOMS: atom_id res chain seq x y z
N MET A 21 7.69 -62.91 9.30
CA MET A 21 8.99 -63.39 9.75
C MET A 21 9.81 -62.21 10.25
N ARG A 22 10.96 -62.52 10.85
CA ARG A 22 11.82 -61.49 11.40
C ARG A 22 13.24 -61.66 10.91
N ILE A 23 13.95 -60.54 10.80
CA ILE A 23 15.35 -60.59 10.44
C ILE A 23 16.12 -59.92 11.56
N GLU A 24 17.11 -60.62 12.08
CA GLU A 24 17.91 -60.17 13.22
C GLU A 24 19.25 -59.53 12.88
N SER A 25 20.03 -60.25 12.11
CA SER A 25 21.36 -59.80 11.71
C SER A 25 21.40 -58.61 10.76
N PRO A 26 22.13 -57.55 11.14
CA PRO A 26 22.33 -56.37 10.31
C PRO A 26 23.12 -56.75 9.07
N GLN A 27 23.75 -57.91 9.10
CA GLN A 27 24.54 -58.37 7.98
C GLN A 27 23.75 -59.30 7.05
N ASN A 28 22.49 -59.53 7.37
CA ASN A 28 21.65 -60.36 6.54
C ASN A 28 21.52 -59.69 5.17
N PRO A 29 21.65 -60.47 4.09
CA PRO A 29 21.57 -59.96 2.72
C PRO A 29 20.37 -59.04 2.45
N ARG A 30 19.19 -59.37 2.96
CA ARG A 30 18.02 -58.53 2.76
C ARG A 30 18.20 -57.18 3.44
N VAL A 31 18.78 -57.14 4.63
CA VAL A 31 19.01 -55.88 5.32
C VAL A 31 20.03 -55.00 4.61
N LYS A 32 21.10 -55.59 4.12
CA LYS A 32 22.10 -54.82 3.39
C LYS A 32 21.44 -54.17 2.18
N ALA A 33 20.59 -54.90 1.48
CA ALA A 33 19.93 -54.37 0.29
C ALA A 33 19.01 -53.21 0.69
N LEU A 34 18.33 -53.35 1.84
CA LEU A 34 17.43 -52.27 2.31
C LEU A 34 18.27 -51.02 2.60
N ALA A 35 19.37 -51.18 3.31
CA ALA A 35 20.24 -50.07 3.64
C ALA A 35 20.84 -49.42 2.40
N ALA A 36 21.01 -50.19 1.34
CA ALA A 36 21.58 -49.69 0.08
C ALA A 36 20.63 -48.71 -0.61
N LEU A 37 19.33 -48.80 -0.28
CA LEU A 37 18.31 -47.89 -0.90
C LEU A 37 18.57 -46.44 -0.48
N LYS A 38 19.54 -46.18 0.38
CA LYS A 38 19.85 -44.82 0.76
C LYS A 38 20.48 -44.09 -0.39
N GLU A 39 21.02 -44.83 -1.35
CA GLU A 39 21.74 -44.26 -2.47
C GLU A 39 20.83 -44.16 -3.68
N ARG A 40 20.88 -43.02 -4.36
CA ARG A 40 20.05 -42.80 -5.54
C ARG A 40 20.30 -43.87 -6.60
N LYS A 41 21.57 -44.24 -6.81
CA LYS A 41 21.88 -45.21 -7.86
C LYS A 41 21.20 -46.54 -7.59
N GLU A 42 21.17 -46.97 -6.32
CA GLU A 42 20.54 -48.24 -5.97
C GLU A 42 19.01 -48.18 -6.11
N ARG A 43 18.39 -47.07 -5.74
CA ARG A 43 16.97 -46.88 -5.99
C ARG A 43 16.63 -46.98 -7.47
N GLU A 44 17.45 -46.34 -8.32
CA GLU A 44 17.15 -46.33 -9.74
C GLU A 44 17.34 -47.71 -10.35
N ARG A 45 18.26 -48.51 -9.79
CA ARG A 45 18.51 -49.84 -10.30
C ARG A 45 17.42 -50.81 -9.90
N THR A 46 17.11 -50.86 -8.61
CA THR A 46 16.16 -51.82 -8.07
C THR A 46 14.70 -51.44 -8.31
N GLY A 47 14.44 -50.16 -8.57
CA GLY A 47 13.09 -49.69 -8.75
C GLY A 47 12.31 -49.60 -7.44
N ARG A 48 13.01 -49.39 -6.33
CA ARG A 48 12.42 -49.29 -5.01
C ARG A 48 12.99 -48.08 -4.27
N PHE A 49 12.28 -47.64 -3.24
CA PHE A 49 12.76 -46.56 -2.39
C PHE A 49 12.18 -46.75 -0.99
N LEU A 50 12.89 -46.26 0.00
CA LEU A 50 12.49 -46.38 1.40
C LEU A 50 11.81 -45.10 1.84
N VAL A 51 10.72 -45.26 2.58
CA VAL A 51 9.96 -44.18 3.16
C VAL A 51 9.99 -44.38 4.66
N GLU A 52 10.65 -43.47 5.38
CA GLU A 52 10.90 -43.61 6.80
C GLU A 52 9.96 -42.69 7.58
N GLY A 53 9.33 -43.24 8.62
CA GLY A 53 8.47 -42.46 9.48
C GLY A 53 6.99 -42.79 9.26
N ARG A 54 6.27 -42.88 10.36
CA ARG A 54 4.86 -43.19 10.32
C ARG A 54 4.06 -42.20 9.45
N ARG A 55 4.31 -40.91 9.63
CA ARG A 55 3.61 -39.93 8.87
C ARG A 55 3.86 -40.03 7.38
N GLU A 56 5.10 -40.27 7.00
CA GLU A 56 5.45 -40.36 5.61
C GLU A 56 4.89 -41.62 4.92
N VAL A 57 4.90 -42.72 5.63
CA VAL A 57 4.30 -43.99 5.12
C VAL A 57 2.80 -43.77 4.89
N GLU A 58 2.15 -43.10 5.84
CA GLU A 58 0.73 -42.80 5.66
C GLU A 58 0.48 -42.03 4.38
N ARG A 59 1.30 -41.01 4.11
CA ARG A 59 1.08 -40.19 2.93
C ARG A 59 1.34 -40.96 1.64
N ALA A 60 2.38 -41.80 1.63
CA ALA A 60 2.67 -42.57 0.42
C ALA A 60 1.53 -43.54 0.10
N LEU A 61 0.94 -44.14 1.15
CA LEU A 61 -0.22 -45.02 0.98
C LEU A 61 -1.45 -44.24 0.58
N GLU A 62 -1.71 -43.14 1.27
CA GLU A 62 -2.88 -42.31 0.92
C GLU A 62 -2.75 -41.82 -0.55
N ALA A 63 -1.52 -41.66 -1.05
CA ALA A 63 -1.28 -41.21 -2.43
C ALA A 63 -1.46 -42.36 -3.41
N GLY A 64 -1.64 -43.57 -2.89
CA GLY A 64 -1.85 -44.70 -3.75
C GLY A 64 -0.58 -45.34 -4.24
N LEU A 65 0.56 -45.02 -3.62
CA LEU A 65 1.81 -45.66 -4.02
C LEU A 65 1.85 -47.10 -3.52
N SER A 66 2.39 -47.96 -4.36
CA SER A 66 2.45 -49.40 -4.13
C SER A 66 3.46 -49.87 -3.11
N LEU A 67 2.97 -50.28 -1.95
CA LEU A 67 3.85 -50.75 -0.89
C LEU A 67 4.27 -52.19 -1.14
N GLU A 68 5.56 -52.40 -1.08
CA GLU A 68 6.04 -53.72 -1.28
C GLU A 68 6.29 -54.38 0.05
N THR A 69 7.05 -53.71 0.95
CA THR A 69 7.45 -54.30 2.20
C THR A 69 7.29 -53.29 3.31
N LEU A 70 6.66 -53.70 4.39
CA LEU A 70 6.55 -52.86 5.59
C LEU A 70 7.57 -53.33 6.62
N LEU A 71 8.36 -52.39 7.13
CA LEU A 71 9.38 -52.64 8.13
C LEU A 71 8.91 -52.10 9.47
N LEU A 72 8.85 -52.96 10.48
CA LEU A 72 8.41 -52.55 11.80
C LEU A 72 9.55 -52.76 12.78
N GLY A 73 9.84 -51.73 13.57
CA GLY A 73 10.81 -51.80 14.63
C GLY A 73 10.23 -52.39 15.90
N PRO A 74 11.02 -52.39 16.97
CA PRO A 74 10.56 -53.03 18.21
C PRO A 74 9.43 -52.27 18.92
N LYS A 75 9.35 -50.95 18.80
CA LYS A 75 8.37 -50.17 19.54
C LYS A 75 7.16 -49.74 18.69
N ALA A 76 6.95 -50.37 17.54
CA ALA A 76 5.80 -50.03 16.71
C ALA A 76 4.48 -50.39 17.40
N ARG A 77 3.42 -49.60 17.10
CA ARG A 77 2.06 -49.86 17.58
C ARG A 77 1.41 -51.00 16.80
N PRO A 78 0.38 -51.65 17.36
CA PRO A 78 -0.37 -52.64 16.56
C PRO A 78 -1.05 -52.05 15.34
N GLU A 79 -1.51 -50.79 15.38
CA GLU A 79 -2.13 -50.23 14.20
C GLU A 79 -1.15 -50.17 13.03
N ASP A 80 0.14 -50.01 13.32
CA ASP A 80 1.14 -49.95 12.25
C ASP A 80 1.10 -51.19 11.36
N ARG A 81 0.96 -52.37 11.96
CA ARG A 81 0.94 -53.60 11.17
C ARG A 81 -0.24 -53.63 10.21
N ALA A 82 -1.36 -53.03 10.59
CA ALA A 82 -2.54 -53.02 9.73
C ALA A 82 -2.40 -52.11 8.50
N LEU A 83 -1.36 -51.26 8.46
CA LEU A 83 -1.06 -50.43 7.29
C LEU A 83 -0.60 -51.25 6.09
N ALA A 84 -0.18 -52.50 6.28
CA ALA A 84 0.47 -53.23 5.20
C ALA A 84 -0.48 -53.55 4.05
N GLY A 85 -1.77 -53.66 4.33
CA GLY A 85 -2.70 -53.98 3.25
C GLY A 85 -2.35 -55.26 2.51
N GLY A 86 -1.77 -56.24 3.19
CA GLY A 86 -1.39 -57.46 2.53
C GLY A 86 0.06 -57.53 2.09
N ALA A 87 0.77 -56.40 2.07
CA ALA A 87 2.18 -56.42 1.70
C ALA A 87 2.97 -57.27 2.69
N GLU A 88 4.17 -57.66 2.26
CA GLU A 88 5.06 -58.35 3.17
C GLU A 88 5.30 -57.49 4.40
N VAL A 89 5.31 -58.12 5.57
CA VAL A 89 5.62 -57.43 6.81
C VAL A 89 6.84 -58.07 7.40
N LEU A 90 7.88 -57.27 7.52
CA LEU A 90 9.13 -57.76 8.07
C LEU A 90 9.42 -57.01 9.33
N GLU A 91 9.55 -57.72 10.43
CA GLU A 91 9.87 -57.09 11.68
C GLU A 91 11.37 -57.08 11.80
N LEU A 92 11.89 -55.91 12.08
CA LEU A 92 13.32 -55.76 12.18
C LEU A 92 13.71 -55.49 13.61
N SER A 93 14.89 -55.98 13.96
CA SER A 93 15.46 -55.77 15.27
C SER A 93 16.05 -54.36 15.33
N GLU A 94 16.28 -53.85 16.53
CA GLU A 94 16.86 -52.52 16.63
C GLU A 94 18.21 -52.40 15.92
N ARG A 95 19.00 -53.45 15.96
CA ARG A 95 20.28 -53.45 15.30
C ARG A 95 20.08 -53.39 13.80
N ALA A 96 19.16 -54.19 13.28
CA ALA A 96 18.88 -54.13 11.86
C ALA A 96 18.28 -52.78 11.46
N LEU A 97 17.42 -52.26 12.33
CA LEU A 97 16.75 -50.99 12.09
C LEU A 97 17.72 -49.86 12.01
N ALA A 98 18.74 -49.88 12.85
CA ALA A 98 19.73 -48.82 12.83
C ALA A 98 20.45 -48.80 11.49
N ARG A 99 20.77 -49.96 10.94
CA ARG A 99 21.41 -49.96 9.64
C ARG A 99 20.53 -49.42 8.51
N VAL A 100 19.26 -49.81 8.47
CA VAL A 100 18.36 -49.32 7.44
C VAL A 100 18.03 -47.83 7.50
N SER A 101 17.84 -47.33 8.70
CA SER A 101 17.47 -45.94 8.91
C SER A 101 18.45 -44.86 8.51
N ALA A 102 17.90 -43.80 7.94
CA ALA A 102 18.69 -42.63 7.57
C ALA A 102 18.73 -41.58 8.68
N ARG A 103 18.27 -41.95 9.87
CA ARG A 103 18.14 -41.04 10.98
C ARG A 103 18.98 -41.28 12.23
N GLU A 104 19.18 -40.21 12.99
CA GLU A 104 19.86 -40.29 14.25
C GLU A 104 18.98 -41.10 15.18
N ASN A 105 17.68 -40.79 15.15
CA ASN A 105 16.71 -41.52 15.96
C ASN A 105 15.76 -42.20 14.97
N PRO A 106 16.05 -43.44 14.61
CA PRO A 106 15.26 -44.18 13.62
C PRO A 106 13.81 -44.29 13.98
N ALA A 107 12.97 -44.24 12.96
CA ALA A 107 11.55 -44.35 13.16
C ALA A 107 11.20 -45.81 13.34
N GLN A 108 10.06 -46.05 13.96
CA GLN A 108 9.58 -47.40 14.18
C GLN A 108 8.76 -47.95 13.01
N VAL A 109 8.42 -47.11 12.03
CA VAL A 109 7.69 -47.53 10.84
C VAL A 109 8.41 -47.08 9.59
N LEU A 110 8.64 -48.01 8.68
CA LEU A 110 9.26 -47.71 7.40
C LEU A 110 8.56 -48.51 6.32
N GLY A 111 8.58 -48.01 5.10
CA GLY A 111 8.00 -48.73 3.98
C GLY A 111 8.91 -48.72 2.76
N VAL A 112 8.96 -49.85 2.09
CA VAL A 112 9.69 -49.97 0.85
C VAL A 112 8.60 -49.93 -0.21
N PHE A 113 8.60 -48.89 -1.03
CA PHE A 113 7.60 -48.74 -2.07
C PHE A 113 8.22 -48.86 -3.44
N ARG A 114 7.40 -49.19 -4.41
CA ARG A 114 7.84 -49.29 -5.78
C ARG A 114 8.10 -47.89 -6.30
N LEU A 115 9.21 -47.71 -6.99
CA LEU A 115 9.56 -46.42 -7.55
C LEU A 115 8.74 -46.21 -8.80
N PRO A 116 7.96 -45.14 -8.83
CA PRO A 116 7.14 -44.93 -10.02
C PRO A 116 7.91 -44.30 -11.16
N ARG A 117 7.62 -44.76 -12.38
CA ARG A 117 8.23 -44.18 -13.55
C ARG A 117 7.08 -43.40 -14.15
N ARG A 118 7.22 -42.10 -14.18
CA ARG A 118 6.17 -41.23 -14.68
C ARG A 118 6.72 -40.27 -15.71
N SER A 119 5.89 -39.94 -16.68
CA SER A 119 6.28 -39.04 -17.74
C SER A 119 5.39 -37.82 -17.75
N LEU A 120 5.97 -36.66 -18.00
CA LEU A 120 5.18 -35.45 -18.06
C LEU A 120 4.16 -35.58 -19.18
N ALA A 121 4.47 -36.39 -20.18
CA ALA A 121 3.54 -36.59 -21.30
C ALA A 121 2.22 -37.21 -20.85
N GLY A 122 2.24 -38.01 -19.79
CA GLY A 122 1.00 -38.58 -19.30
C GLY A 122 0.11 -37.61 -18.55
N VAL A 123 0.53 -36.36 -18.41
CA VAL A 123 -0.17 -35.40 -17.57
C VAL A 123 -1.25 -34.73 -18.41
N THR A 124 -2.47 -34.72 -17.88
CA THR A 124 -3.54 -33.89 -18.40
C THR A 124 -4.01 -33.01 -17.25
N LEU A 125 -4.10 -31.71 -17.50
CA LEU A 125 -4.44 -30.79 -16.43
C LEU A 125 -5.95 -30.58 -16.40
N GLY A 126 -6.48 -30.49 -15.18
CA GLY A 126 -7.89 -30.19 -14.98
C GLY A 126 -8.21 -28.77 -15.38
N ALA A 127 -9.32 -28.25 -14.89
CA ALA A 127 -9.74 -26.89 -15.18
C ALA A 127 -8.93 -25.87 -14.39
N ALA A 128 -8.65 -24.73 -15.05
CA ALA A 128 -8.01 -23.55 -14.46
C ALA A 128 -6.83 -23.93 -13.54
N PRO A 129 -5.80 -24.57 -14.08
CA PRO A 129 -4.80 -25.18 -13.21
C PRO A 129 -3.87 -24.16 -12.58
N LEU A 130 -3.38 -24.51 -11.39
CA LEU A 130 -2.35 -23.74 -10.67
C LEU A 130 -1.07 -24.54 -10.80
N VAL A 131 -0.12 -24.01 -11.55
CA VAL A 131 1.13 -24.68 -11.86
C VAL A 131 2.28 -23.86 -11.30
N LEU A 132 3.24 -24.53 -10.69
CA LEU A 132 4.46 -23.88 -10.23
C LEU A 132 5.66 -24.51 -10.94
N VAL A 133 6.50 -23.67 -11.55
CA VAL A 133 7.68 -24.11 -12.30
C VAL A 133 8.93 -23.58 -11.61
N LEU A 134 9.75 -24.47 -11.09
CA LEU A 134 10.99 -24.12 -10.47
C LEU A 134 12.10 -24.34 -11.47
N LEU A 135 12.89 -23.33 -11.69
CA LEU A 135 14.00 -23.41 -12.65
C LEU A 135 15.33 -23.39 -11.88
N GLY A 136 16.18 -24.38 -12.15
CA GLY A 136 17.46 -24.48 -11.46
C GLY A 136 17.32 -25.21 -10.15
N LEU A 137 18.43 -25.65 -9.60
CA LEU A 137 18.42 -26.37 -8.34
C LEU A 137 18.55 -25.36 -7.25
N GLU A 138 17.85 -25.60 -6.15
CA GLU A 138 17.84 -24.68 -5.03
C GLU A 138 18.37 -25.32 -3.76
N LYS A 139 18.78 -24.49 -2.83
CA LYS A 139 19.33 -24.99 -1.58
C LYS A 139 18.53 -26.13 -0.97
N PRO A 140 19.23 -27.10 -0.36
CA PRO A 140 18.56 -28.23 0.29
C PRO A 140 17.58 -27.74 1.34
N GLY A 141 16.41 -28.34 1.33
CA GLY A 141 15.34 -28.02 2.24
C GLY A 141 14.34 -27.07 1.63
N ASN A 142 14.74 -26.36 0.60
CA ASN A 142 13.81 -25.48 -0.07
C ASN A 142 12.72 -26.24 -0.79
N LEU A 143 13.09 -27.31 -1.48
CA LEU A 143 12.11 -28.09 -2.23
C LEU A 143 11.08 -28.71 -1.32
N GLY A 144 11.52 -29.24 -0.20
CA GLY A 144 10.60 -29.85 0.73
C GLY A 144 9.58 -28.86 1.22
N ALA A 145 10.02 -27.65 1.55
CA ALA A 145 9.14 -26.62 2.00
C ALA A 145 8.16 -26.20 0.91
N ILE A 146 8.65 -26.12 -0.31
CA ILE A 146 7.80 -25.71 -1.41
C ILE A 146 6.68 -26.71 -1.63
N LEU A 147 7.00 -27.99 -1.56
CA LEU A 147 6.01 -29.02 -1.77
C LEU A 147 4.91 -28.99 -0.70
N ARG A 148 5.28 -28.65 0.52
CA ARG A 148 4.33 -28.54 1.60
C ARG A 148 3.37 -27.42 1.29
N ALA A 149 3.87 -26.25 0.92
CA ALA A 149 3.03 -25.12 0.52
C ALA A 149 2.17 -25.46 -0.69
N ALA A 150 2.76 -26.13 -1.68
CA ALA A 150 2.02 -26.50 -2.88
C ALA A 150 0.90 -27.47 -2.55
N ASP A 151 1.17 -28.40 -1.66
CA ASP A 151 0.16 -29.35 -1.25
C ASP A 151 -0.93 -28.59 -0.48
N GLY A 152 -0.54 -27.65 0.37
CA GLY A 152 -1.52 -26.86 1.11
C GLY A 152 -2.41 -25.99 0.24
N ALA A 153 -1.83 -25.36 -0.78
CA ALA A 153 -2.60 -24.46 -1.62
C ALA A 153 -3.38 -25.18 -2.72
N GLY A 154 -3.21 -26.50 -2.86
CA GLY A 154 -3.89 -27.21 -3.93
C GLY A 154 -3.33 -26.99 -5.32
N ALA A 155 -2.01 -26.90 -5.44
CA ALA A 155 -1.38 -26.76 -6.75
C ALA A 155 -1.65 -28.00 -7.58
N ASP A 156 -1.85 -27.83 -8.87
CA ASP A 156 -2.12 -28.94 -9.73
C ASP A 156 -0.89 -29.61 -10.32
N LEU A 157 0.23 -28.89 -10.36
CA LEU A 157 1.45 -29.42 -10.97
C LEU A 157 2.62 -28.60 -10.49
N VAL A 158 3.73 -29.27 -10.24
CA VAL A 158 4.97 -28.62 -9.89
C VAL A 158 6.06 -29.20 -10.77
N LEU A 159 6.69 -28.34 -11.56
CA LEU A 159 7.80 -28.76 -12.41
C LEU A 159 9.07 -28.33 -11.72
N VAL A 160 10.05 -29.24 -11.62
CA VAL A 160 11.32 -28.92 -10.97
C VAL A 160 12.47 -29.19 -11.94
N ALA A 161 13.69 -28.86 -11.49
CA ALA A 161 14.86 -29.01 -12.36
C ALA A 161 15.12 -30.46 -12.72
N GLU A 162 15.76 -30.66 -13.88
CA GLU A 162 15.91 -32.00 -14.43
C GLU A 162 16.62 -32.95 -13.47
N GLY A 163 17.59 -32.45 -12.70
CA GLY A 163 18.39 -33.29 -11.83
C GLY A 163 17.82 -33.60 -10.46
N VAL A 164 16.59 -33.13 -10.22
CA VAL A 164 16.02 -33.25 -8.84
C VAL A 164 15.60 -34.70 -8.54
N ASP A 165 16.00 -35.17 -7.38
CA ASP A 165 15.64 -36.49 -6.88
C ASP A 165 14.42 -36.37 -5.97
N LEU A 166 13.26 -36.79 -6.44
CA LEU A 166 12.04 -36.67 -5.66
C LEU A 166 11.85 -37.79 -4.65
N PHE A 167 12.71 -38.80 -4.70
CA PHE A 167 12.55 -39.95 -3.82
C PHE A 167 13.67 -40.14 -2.82
N SER A 168 14.43 -39.10 -2.57
CA SER A 168 15.53 -39.14 -1.59
C SER A 168 14.97 -39.14 -0.17
N PRO A 169 15.68 -39.72 0.81
CA PRO A 169 15.27 -39.60 2.18
C PRO A 169 15.09 -38.13 2.61
N GLN A 170 15.95 -37.25 2.10
CA GLN A 170 15.89 -35.82 2.43
C GLN A 170 14.56 -35.19 1.93
N VAL A 171 14.23 -35.38 0.65
CA VAL A 171 13.01 -34.71 0.18
C VAL A 171 11.79 -35.29 0.86
N ILE A 172 11.80 -36.61 1.13
CA ILE A 172 10.68 -37.26 1.80
C ILE A 172 10.49 -36.69 3.19
N ARG A 173 11.57 -36.56 3.93
CA ARG A 173 11.52 -36.04 5.27
C ARG A 173 11.19 -34.56 5.28
N ASN A 174 11.87 -33.76 4.47
CA ASN A 174 11.66 -32.31 4.52
C ASN A 174 10.25 -31.90 4.04
N SER A 175 9.65 -32.66 3.14
CA SER A 175 8.27 -32.40 2.64
C SER A 175 7.21 -33.02 3.57
N THR A 176 7.63 -33.77 4.60
CA THR A 176 6.70 -34.48 5.50
C THR A 176 5.76 -35.36 4.68
N GLY A 177 6.24 -35.90 3.56
CA GLY A 177 5.44 -36.77 2.70
C GLY A 177 4.60 -36.03 1.65
N ALA A 178 4.60 -34.70 1.66
CA ALA A 178 3.84 -33.94 0.69
C ALA A 178 4.31 -34.18 -0.73
N VAL A 179 5.51 -34.73 -0.87
CA VAL A 179 6.05 -35.05 -2.20
C VAL A 179 5.17 -36.08 -2.92
N PHE A 180 4.63 -37.05 -2.18
CA PHE A 180 3.69 -38.04 -2.68
C PHE A 180 2.32 -37.48 -3.08
N ALA A 181 1.89 -36.48 -2.34
CA ALA A 181 0.57 -35.85 -2.48
C ALA A 181 0.22 -35.15 -3.79
N LEU A 182 1.21 -34.76 -4.58
CA LEU A 182 0.90 -34.09 -5.82
C LEU A 182 1.84 -34.41 -6.97
N PRO A 183 1.43 -34.07 -8.18
CA PRO A 183 2.24 -34.34 -9.37
C PRO A 183 3.44 -33.41 -9.43
N VAL A 184 4.63 -33.98 -9.26
CA VAL A 184 5.86 -33.23 -9.36
C VAL A 184 6.74 -33.89 -10.41
N TYR A 185 7.20 -33.12 -11.38
CA TYR A 185 8.01 -33.65 -12.47
C TYR A 185 9.31 -32.92 -12.71
N PRO A 186 10.43 -33.63 -12.58
CA PRO A 186 11.75 -33.02 -12.85
C PRO A 186 11.92 -32.99 -14.38
N VAL A 187 12.19 -31.83 -14.98
CA VAL A 187 12.25 -31.70 -16.43
C VAL A 187 13.34 -30.72 -16.81
N ALA A 188 13.86 -30.89 -18.02
CA ALA A 188 14.77 -29.91 -18.59
C ALA A 188 14.01 -28.63 -18.94
N GLU A 189 14.73 -27.51 -18.85
CA GLU A 189 14.10 -26.21 -19.13
C GLU A 189 13.31 -26.25 -20.43
N GLU A 190 13.83 -26.95 -21.44
CA GLU A 190 13.20 -26.93 -22.76
C GLU A 190 11.93 -27.76 -22.79
N GLU A 191 11.90 -28.85 -22.04
CA GLU A 191 10.66 -29.62 -21.85
C GLU A 191 9.60 -28.81 -21.11
N ALA A 192 9.99 -28.06 -20.08
CA ALA A 192 9.04 -27.21 -19.37
C ALA A 192 8.45 -26.16 -20.30
N ALA A 193 9.28 -25.49 -21.07
CA ALA A 193 8.81 -24.45 -21.96
C ALA A 193 7.83 -25.01 -22.98
N ARG A 194 8.15 -26.17 -23.51
CA ARG A 194 7.29 -26.80 -24.48
C ARG A 194 5.94 -27.19 -23.92
N PHE A 195 5.93 -27.74 -22.72
CA PHE A 195 4.69 -28.15 -22.08
C PHE A 195 3.79 -26.95 -21.82
N LEU A 196 4.36 -25.88 -21.30
CA LEU A 196 3.59 -24.67 -20.98
C LEU A 196 2.98 -24.03 -22.23
N GLU A 197 3.75 -23.97 -23.31
CA GLU A 197 3.22 -23.41 -24.54
C GLU A 197 2.09 -24.28 -25.08
N GLU A 198 2.24 -25.59 -24.99
CA GLU A 198 1.23 -26.54 -25.42
C GLU A 198 -0.05 -26.39 -24.65
N GLN A 199 0.10 -26.12 -23.36
CA GLN A 199 -1.03 -25.92 -22.46
C GLN A 199 -1.68 -24.53 -22.59
N ASN A 200 -1.01 -23.62 -23.29
CA ASN A 200 -1.46 -22.26 -23.51
C ASN A 200 -1.74 -21.55 -22.19
N LEU A 201 -0.92 -21.83 -21.20
CA LEU A 201 -1.08 -21.25 -19.88
C LEU A 201 -0.34 -19.93 -19.78
N PRO A 202 -0.98 -18.89 -19.24
CA PRO A 202 -0.26 -17.63 -19.00
C PRO A 202 0.84 -17.85 -17.98
N LEU A 203 2.02 -17.34 -18.30
CA LEU A 203 3.22 -17.44 -17.47
C LEU A 203 3.43 -16.17 -16.66
N VAL A 204 3.64 -16.33 -15.35
CA VAL A 204 3.82 -15.20 -14.45
C VAL A 204 5.15 -15.42 -13.75
N ALA A 205 6.12 -14.58 -14.05
CA ALA A 205 7.43 -14.72 -13.44
C ALA A 205 7.61 -13.88 -12.20
N ALA A 206 8.04 -14.51 -11.11
CA ALA A 206 8.33 -13.78 -9.88
C ALA A 206 9.78 -13.36 -9.91
N THR A 207 10.01 -12.04 -9.94
CA THR A 207 11.33 -11.43 -9.98
C THR A 207 11.39 -10.23 -9.02
N PRO A 208 12.55 -9.97 -8.42
CA PRO A 208 12.67 -8.87 -7.49
C PRO A 208 12.26 -7.53 -8.08
N GLU A 209 12.44 -7.36 -9.38
CA GLU A 209 12.14 -6.04 -10.01
C GLU A 209 10.92 -6.15 -10.95
N GLY A 210 10.07 -7.15 -10.77
CA GLY A 210 8.87 -7.29 -11.58
C GLY A 210 8.01 -6.03 -11.62
N GLU A 211 7.45 -5.73 -12.78
CA GLU A 211 6.64 -4.53 -13.00
C GLU A 211 5.36 -4.41 -12.17
N ARG A 212 4.75 -5.53 -11.82
CA ARG A 212 3.54 -5.49 -11.03
C ARG A 212 3.66 -6.16 -9.67
N LEU A 213 2.90 -5.70 -8.69
CA LEU A 213 2.86 -6.41 -7.42
C LEU A 213 2.19 -7.75 -7.64
N TYR A 214 2.65 -8.77 -6.91
CA TYR A 214 2.11 -10.10 -7.18
C TYR A 214 0.61 -10.19 -6.88
N TRP A 215 0.07 -9.33 -5.99
CA TRP A 215 -1.38 -9.33 -5.77
C TRP A 215 -2.18 -8.88 -6.97
N GLU A 216 -1.54 -8.22 -7.94
CA GLU A 216 -2.27 -7.56 -9.01
C GLU A 216 -2.50 -8.47 -10.20
N GLY A 217 -1.80 -9.59 -10.29
CA GLY A 217 -2.10 -10.54 -11.35
C GLY A 217 -3.45 -11.19 -11.11
N ASP A 218 -4.10 -11.58 -12.22
CA ASP A 218 -5.37 -12.29 -12.18
C ASP A 218 -5.08 -13.78 -12.30
N TYR A 219 -5.25 -14.52 -11.19
CA TYR A 219 -4.96 -15.94 -11.13
C TYR A 219 -6.22 -16.77 -11.11
N ARG A 220 -7.36 -16.17 -11.39
CA ARG A 220 -8.62 -16.88 -11.25
C ARG A 220 -8.79 -17.88 -12.39
N GLY A 221 -8.13 -17.65 -13.52
CA GLY A 221 -8.29 -18.58 -14.63
C GLY A 221 -7.10 -19.49 -14.88
N GLY A 222 -6.22 -19.63 -13.92
CA GLY A 222 -5.14 -20.56 -14.20
C GLY A 222 -3.87 -19.86 -14.63
N VAL A 223 -2.75 -20.44 -14.22
CA VAL A 223 -1.50 -19.70 -14.28
C VAL A 223 -0.38 -20.70 -14.02
N ALA A 224 0.78 -20.40 -14.57
CA ALA A 224 2.02 -21.05 -14.21
C ALA A 224 2.93 -19.96 -13.67
N PHE A 225 3.24 -20.06 -12.38
CA PHE A 225 4.24 -19.19 -11.75
C PHE A 225 5.65 -19.69 -12.08
N LEU A 226 6.52 -18.76 -12.49
CA LEU A 226 7.92 -19.08 -12.80
C LEU A 226 8.82 -18.59 -11.68
N LEU A 227 9.64 -19.50 -11.14
CA LEU A 227 10.42 -19.17 -9.94
C LEU A 227 11.85 -19.68 -10.09
N GLY A 228 12.80 -18.77 -9.92
CA GLY A 228 14.20 -19.14 -10.10
C GLY A 228 14.91 -19.47 -8.81
N ALA A 229 16.06 -20.14 -8.94
CA ALA A 229 16.89 -20.46 -7.78
C ALA A 229 17.63 -19.20 -7.33
N GLU A 230 17.90 -19.11 -6.06
CA GLU A 230 18.61 -17.98 -5.49
C GLU A 230 19.96 -17.69 -6.15
N ASP A 231 20.74 -18.73 -6.43
CA ASP A 231 22.08 -18.58 -7.04
C ASP A 231 22.04 -17.70 -8.29
N LYS A 232 21.31 -18.10 -9.31
CA LYS A 232 21.34 -17.30 -10.51
C LYS A 232 20.13 -16.45 -10.79
N GLY A 233 19.02 -16.78 -10.16
CA GLY A 233 17.80 -16.06 -10.42
C GLY A 233 17.16 -16.64 -11.65
N LEU A 234 16.18 -15.94 -12.16
CA LEU A 234 15.50 -16.43 -13.38
C LEU A 234 16.33 -16.09 -14.61
N PRO A 235 16.58 -17.08 -15.49
CA PRO A 235 17.26 -16.83 -16.74
C PRO A 235 16.48 -15.78 -17.50
N GLU A 236 17.16 -14.87 -18.18
CA GLU A 236 16.49 -13.82 -18.90
C GLU A 236 15.55 -14.34 -19.96
N ALA A 237 15.79 -15.54 -20.46
CA ALA A 237 14.90 -16.09 -21.46
C ALA A 237 13.51 -16.34 -20.89
N TRP A 238 13.44 -16.74 -19.62
CA TRP A 238 12.17 -17.02 -18.96
C TRP A 238 11.45 -15.74 -18.55
N LYS A 239 12.21 -14.70 -18.20
CA LYS A 239 11.59 -13.44 -17.85
C LYS A 239 10.88 -12.87 -19.07
N ARG A 240 11.51 -13.00 -20.23
CA ARG A 240 10.95 -12.49 -21.46
C ARG A 240 9.73 -13.26 -21.91
N ARG A 241 9.75 -14.55 -21.65
CA ARG A 241 8.65 -15.44 -22.01
C ARG A 241 7.40 -15.19 -21.17
N ALA A 242 7.54 -14.58 -20.00
CA ALA A 242 6.41 -14.35 -19.12
C ALA A 242 5.45 -13.28 -19.61
N GLN A 243 4.16 -13.54 -19.45
CA GLN A 243 3.14 -12.57 -19.78
C GLN A 243 3.26 -11.37 -18.85
N VAL A 244 3.50 -11.67 -17.57
CA VAL A 244 3.66 -10.65 -16.53
C VAL A 244 4.83 -10.99 -15.63
N ARG A 245 5.55 -9.99 -15.15
CA ARG A 245 6.61 -10.22 -14.19
C ARG A 245 6.09 -9.58 -12.91
N VAL A 246 6.11 -10.34 -11.82
CA VAL A 246 5.59 -9.84 -10.56
C VAL A 246 6.60 -9.86 -9.44
N ARG A 247 6.41 -8.99 -8.48
CA ARG A 247 7.31 -8.90 -7.36
C ARG A 247 6.64 -8.97 -6.01
N ILE A 248 7.38 -9.48 -5.05
CA ILE A 248 6.97 -9.46 -3.64
C ILE A 248 7.54 -8.20 -3.02
N PRO A 249 6.72 -7.31 -2.41
CA PRO A 249 7.24 -6.08 -1.83
C PRO A 249 8.20 -6.33 -0.70
N MET A 250 9.31 -5.59 -0.69
CA MET A 250 10.29 -5.65 0.41
C MET A 250 10.46 -4.21 0.91
N ARG A 251 9.90 -3.87 2.03
CA ARG A 251 9.97 -2.52 2.51
C ARG A 251 11.03 -2.28 3.59
N GLY A 252 11.94 -3.22 3.75
CA GLY A 252 12.99 -3.11 4.78
C GLY A 252 14.40 -3.25 4.24
N ARG A 253 15.34 -3.62 5.10
CA ARG A 253 16.75 -3.76 4.71
C ARG A 253 16.98 -4.92 3.77
N ALA A 254 16.36 -6.05 4.03
CA ALA A 254 16.48 -7.26 3.18
C ALA A 254 15.93 -6.98 1.78
N ASP A 255 16.55 -7.55 0.77
CA ASP A 255 16.14 -7.25 -0.63
C ASP A 255 15.42 -8.43 -1.27
N SER A 256 15.46 -9.59 -0.62
CA SER A 256 14.71 -10.75 -1.16
C SER A 256 14.35 -11.76 -0.06
N LEU A 257 13.46 -12.69 -0.36
CA LEU A 257 13.10 -13.72 0.57
C LEU A 257 13.60 -15.06 0.04
N ASN A 258 13.55 -16.09 0.87
CA ASN A 258 13.94 -17.42 0.45
C ASN A 258 12.96 -17.85 -0.63
N VAL A 259 13.46 -18.58 -1.62
CA VAL A 259 12.63 -18.97 -2.75
C VAL A 259 11.41 -19.80 -2.32
N ALA A 260 11.55 -20.68 -1.33
CA ALA A 260 10.42 -21.45 -0.84
C ALA A 260 9.33 -20.55 -0.24
N VAL A 261 9.73 -19.49 0.44
CA VAL A 261 8.79 -18.55 1.02
C VAL A 261 8.04 -17.79 -0.09
N THR A 262 8.78 -17.31 -1.07
CA THR A 262 8.17 -16.67 -2.25
C THR A 262 7.14 -17.61 -2.89
N ALA A 263 7.48 -18.89 -3.02
CA ALA A 263 6.57 -19.86 -3.61
C ALA A 263 5.26 -19.92 -2.83
N ALA A 264 5.35 -20.01 -1.50
CA ALA A 264 4.17 -20.10 -0.66
C ALA A 264 3.30 -18.86 -0.79
N LEU A 265 3.92 -17.68 -0.79
CA LEU A 265 3.15 -16.44 -0.96
C LEU A 265 2.38 -16.43 -2.27
N LEU A 266 3.03 -16.85 -3.36
CA LEU A 266 2.35 -16.83 -4.68
C LEU A 266 1.19 -17.81 -4.72
N LEU A 267 1.42 -19.04 -4.28
CA LEU A 267 0.40 -20.07 -4.28
C LEU A 267 -0.81 -19.66 -3.46
N TYR A 268 -0.58 -19.14 -2.25
CA TYR A 268 -1.71 -18.78 -1.40
C TYR A 268 -2.42 -17.54 -1.91
N GLU A 269 -1.72 -16.65 -2.64
CA GLU A 269 -2.42 -15.56 -3.31
C GLU A 269 -3.31 -16.10 -4.42
N ALA A 270 -2.81 -17.08 -5.18
CA ALA A 270 -3.68 -17.67 -6.19
C ALA A 270 -4.85 -18.41 -5.54
N LEU A 271 -4.61 -19.08 -4.42
CA LEU A 271 -5.74 -19.72 -3.71
C LEU A 271 -6.71 -18.66 -3.16
N ARG A 272 -6.19 -17.53 -2.69
CA ARG A 272 -7.09 -16.48 -2.20
C ARG A 272 -8.04 -16.02 -3.31
N GLN A 273 -7.53 -15.87 -4.52
CA GLN A 273 -8.37 -15.42 -5.64
C GLN A 273 -9.37 -16.49 -6.05
N ARG A 274 -8.98 -17.77 -5.98
CA ARG A 274 -9.92 -18.85 -6.26
C ARG A 274 -10.96 -19.02 -5.17
N SER A 275 -10.69 -18.51 -3.97
CA SER A 275 -11.63 -18.58 -2.88
C SER A 275 -12.56 -17.38 -2.81
N GLY A 276 -12.60 -16.53 -3.84
CA GLY A 276 -13.46 -15.37 -3.85
C GLY A 276 -12.76 -14.03 -3.77
N GLY A 277 -11.45 -13.98 -3.62
CA GLY A 277 -10.77 -12.70 -3.52
C GLY A 277 -10.55 -12.06 -4.89
N ALA A 278 -10.41 -10.74 -4.88
CA ALA A 278 -10.17 -9.99 -6.10
C ALA A 278 -8.69 -9.65 -6.24
N PRO A 279 -8.15 -9.59 -7.45
CA PRO A 279 -6.82 -9.02 -7.64
C PRO A 279 -6.79 -7.61 -7.08
N LEU A 280 -5.67 -7.24 -6.45
CA LEU A 280 -5.50 -5.90 -5.92
C LEU A 280 -5.57 -4.87 -7.07
N HIS B 20 49.63 -4.74 10.62
CA HIS B 20 49.12 -6.03 10.19
C HIS B 20 49.23 -7.05 11.29
N MET B 21 48.10 -7.49 11.81
CA MET B 21 48.14 -8.52 12.86
C MET B 21 47.55 -9.80 12.25
N ARG B 22 48.39 -10.81 12.11
CA ARG B 22 48.05 -12.00 11.33
C ARG B 22 47.89 -13.20 12.25
N ILE B 23 46.82 -13.95 12.02
CA ILE B 23 46.57 -15.22 12.70
C ILE B 23 46.46 -16.28 11.62
N GLU B 24 47.38 -17.25 11.65
CA GLU B 24 47.49 -18.30 10.65
C GLU B 24 47.00 -19.65 11.14
N SER B 25 47.27 -20.02 12.42
CA SER B 25 47.00 -21.42 12.77
C SER B 25 45.64 -21.59 13.41
N PRO B 26 44.86 -22.59 13.00
CA PRO B 26 43.67 -22.98 13.77
C PRO B 26 43.98 -23.42 15.22
N GLN B 27 45.23 -23.57 15.57
CA GLN B 27 45.61 -23.90 16.93
C GLN B 27 45.81 -22.66 17.77
N ASN B 28 45.91 -21.49 17.14
CA ASN B 28 46.07 -20.27 17.88
C ASN B 28 44.89 -20.11 18.82
N PRO B 29 45.15 -19.90 20.12
CA PRO B 29 44.10 -19.74 21.13
C PRO B 29 43.04 -18.68 20.80
N ARG B 30 43.42 -17.58 20.16
CA ARG B 30 42.46 -16.56 19.77
C ARG B 30 41.45 -17.12 18.77
N VAL B 31 41.92 -17.94 17.84
CA VAL B 31 41.03 -18.57 16.87
C VAL B 31 40.05 -19.48 17.58
N LYS B 32 40.54 -20.23 18.55
CA LYS B 32 39.68 -21.13 19.30
C LYS B 32 38.63 -20.33 20.06
N ALA B 33 39.06 -19.24 20.65
CA ALA B 33 38.15 -18.38 21.39
C ALA B 33 37.10 -17.78 20.47
N LEU B 34 37.52 -17.39 19.28
CA LEU B 34 36.61 -16.82 18.31
C LEU B 34 35.60 -17.88 17.90
N ALA B 35 36.08 -19.08 17.66
CA ALA B 35 35.19 -20.18 17.29
C ALA B 35 34.22 -20.52 18.42
N ALA B 36 34.65 -20.35 19.67
CA ALA B 36 33.76 -20.64 20.80
C ALA B 36 32.54 -19.73 20.84
N LEU B 37 32.60 -18.58 20.16
CA LEU B 37 31.47 -17.68 20.12
C LEU B 37 30.24 -18.30 19.47
N LYS B 38 30.41 -19.41 18.76
CA LYS B 38 29.24 -20.10 18.21
C LYS B 38 28.26 -20.51 19.31
N GLU B 39 28.76 -20.79 20.51
CA GLU B 39 27.92 -21.24 21.61
C GLU B 39 27.31 -20.07 22.37
N ARG B 40 26.04 -20.21 22.73
CA ARG B 40 25.36 -19.10 23.40
C ARG B 40 26.00 -18.80 24.74
N LYS B 41 26.41 -19.83 25.47
CA LYS B 41 27.02 -19.65 26.76
C LYS B 41 28.23 -18.75 26.65
N GLU B 42 29.04 -18.94 25.62
CA GLU B 42 30.23 -18.13 25.43
C GLU B 42 29.87 -16.67 25.13
N ARG B 43 28.79 -16.46 24.38
CA ARG B 43 28.34 -15.12 24.10
C ARG B 43 27.87 -14.43 25.38
N GLU B 44 27.16 -15.16 26.22
CA GLU B 44 26.69 -14.63 27.50
C GLU B 44 27.88 -14.25 28.37
N ARG B 45 28.84 -15.15 28.49
CA ARG B 45 29.97 -14.90 29.34
C ARG B 45 30.82 -13.73 28.91
N THR B 46 31.13 -13.65 27.62
CA THR B 46 31.95 -12.58 27.10
C THR B 46 31.23 -11.28 26.83
N GLY B 47 29.93 -11.35 26.60
CA GLY B 47 29.17 -10.17 26.26
C GLY B 47 29.45 -9.75 24.83
N ARG B 48 29.90 -10.70 24.01
CA ARG B 48 30.23 -10.45 22.61
C ARG B 48 29.66 -11.50 21.68
N PHE B 49 29.52 -11.16 20.41
CA PHE B 49 29.03 -12.11 19.42
C PHE B 49 29.68 -11.90 18.05
N LEU B 50 29.72 -12.96 17.25
CA LEU B 50 30.34 -12.92 15.94
C LEU B 50 29.28 -12.67 14.88
N VAL B 51 29.54 -11.70 14.00
CA VAL B 51 28.69 -11.39 12.87
C VAL B 51 29.47 -11.72 11.60
N GLU B 52 28.97 -12.68 10.83
CA GLU B 52 29.69 -13.19 9.66
C GLU B 52 29.07 -12.66 8.38
N GLY B 53 29.89 -12.11 7.49
CA GLY B 53 29.42 -11.66 6.21
C GLY B 53 29.53 -10.16 6.05
N ARG B 54 30.09 -9.71 4.94
CA ARG B 54 30.27 -8.27 4.73
C ARG B 54 28.96 -7.51 4.87
N ARG B 55 27.87 -8.03 4.31
CA ARG B 55 26.61 -7.30 4.38
C ARG B 55 26.03 -7.32 5.79
N GLU B 56 26.17 -8.44 6.50
CA GLU B 56 25.69 -8.53 7.87
C GLU B 56 26.49 -7.60 8.79
N VAL B 57 27.82 -7.53 8.58
CA VAL B 57 28.66 -6.62 9.35
C VAL B 57 28.25 -5.18 9.12
N GLU B 58 28.00 -4.82 7.88
CA GLU B 58 27.64 -3.41 7.58
C GLU B 58 26.29 -3.08 8.24
N ARG B 59 25.37 -4.03 8.23
CA ARG B 59 24.07 -3.81 8.80
C ARG B 59 24.15 -3.59 10.31
N ALA B 60 24.93 -4.41 10.96
CA ALA B 60 25.16 -4.25 12.41
C ALA B 60 25.72 -2.85 12.65
N LEU B 61 26.69 -2.46 11.83
CA LEU B 61 27.29 -1.14 12.00
C LEU B 61 26.28 -0.03 11.71
N GLU B 62 25.46 -0.18 10.66
CA GLU B 62 24.43 0.84 10.39
C GLU B 62 23.43 0.95 11.55
N ALA B 63 23.17 -0.15 12.24
CA ALA B 63 22.26 -0.16 13.38
C ALA B 63 22.92 0.37 14.67
N GLY B 64 24.15 0.87 14.59
CA GLY B 64 24.81 1.47 15.72
C GLY B 64 25.45 0.49 16.67
N LEU B 65 25.63 -0.77 16.28
CA LEU B 65 26.28 -1.71 17.18
C LEU B 65 27.79 -1.43 17.23
N SER B 66 28.39 -1.82 18.34
CA SER B 66 29.80 -1.55 18.62
C SER B 66 30.73 -2.66 18.18
N LEU B 67 31.60 -2.35 17.24
CA LEU B 67 32.52 -3.35 16.68
C LEU B 67 33.84 -3.35 17.46
N GLU B 68 34.17 -4.48 18.02
CA GLU B 68 35.39 -4.62 18.77
C GLU B 68 36.57 -5.15 17.95
N THR B 69 36.29 -6.11 17.07
CA THR B 69 37.32 -6.74 16.28
C THR B 69 36.82 -7.09 14.88
N LEU B 70 37.52 -6.61 13.87
CA LEU B 70 37.21 -6.95 12.50
C LEU B 70 38.11 -8.10 12.05
N LEU B 71 37.51 -9.13 11.43
CA LEU B 71 38.23 -10.27 10.88
C LEU B 71 38.14 -10.26 9.34
N LEU B 72 39.29 -10.38 8.71
CA LEU B 72 39.36 -10.33 7.27
C LEU B 72 40.08 -11.55 6.74
N GLY B 73 39.44 -12.25 5.80
CA GLY B 73 40.04 -13.43 5.22
C GLY B 73 41.04 -13.08 4.13
N PRO B 74 41.67 -14.11 3.56
CA PRO B 74 42.69 -13.87 2.52
C PRO B 74 42.14 -13.19 1.26
N LYS B 75 40.84 -13.28 0.99
CA LYS B 75 40.21 -12.70 -0.19
C LYS B 75 39.34 -11.48 0.13
N ALA B 76 39.59 -10.82 1.26
CA ALA B 76 38.85 -9.61 1.58
C ALA B 76 39.25 -8.49 0.63
N ARG B 77 38.34 -7.54 0.42
CA ARG B 77 38.63 -6.39 -0.42
C ARG B 77 39.56 -5.42 0.30
N PRO B 78 40.34 -4.63 -0.44
CA PRO B 78 41.12 -3.55 0.20
C PRO B 78 40.26 -2.62 1.06
N GLU B 79 39.09 -2.24 0.57
CA GLU B 79 38.23 -1.31 1.29
C GLU B 79 37.49 -1.97 2.45
N ASP B 80 37.55 -3.30 2.59
CA ASP B 80 36.98 -3.93 3.77
C ASP B 80 37.66 -3.42 5.04
N ARG B 81 38.89 -2.96 4.92
CA ARG B 81 39.59 -2.41 6.07
C ARG B 81 38.93 -1.15 6.56
N ALA B 82 38.26 -0.43 5.66
CA ALA B 82 37.64 0.84 6.02
C ALA B 82 36.40 0.68 6.89
N LEU B 83 36.01 -0.55 7.21
CA LEU B 83 34.95 -0.83 8.17
C LEU B 83 35.45 -0.92 9.61
N ALA B 84 36.77 -0.93 9.84
CA ALA B 84 37.29 -1.21 11.17
C ALA B 84 36.98 -0.08 12.17
N GLY B 85 36.95 1.16 11.72
CA GLY B 85 36.82 2.27 12.64
C GLY B 85 37.95 2.17 13.64
N GLY B 86 37.63 2.15 14.92
CA GLY B 86 38.63 1.99 15.94
C GLY B 86 38.95 0.56 16.33
N ALA B 87 38.36 -0.42 15.62
CA ALA B 87 38.48 -1.80 16.04
C ALA B 87 39.86 -2.39 15.75
N GLU B 88 40.12 -3.50 16.42
CA GLU B 88 41.32 -4.27 16.20
C GLU B 88 41.04 -5.05 14.91
N VAL B 89 42.03 -5.15 14.03
CA VAL B 89 41.91 -5.87 12.76
C VAL B 89 42.79 -7.11 12.80
N LEU B 90 42.19 -8.26 12.54
CA LEU B 90 42.89 -9.52 12.49
C LEU B 90 42.77 -10.14 11.10
N GLU B 91 43.91 -10.43 10.48
CA GLU B 91 43.93 -11.06 9.17
C GLU B 91 44.09 -12.56 9.39
N LEU B 92 43.14 -13.32 8.88
CA LEU B 92 43.15 -14.76 9.12
C LEU B 92 43.58 -15.50 7.87
N SER B 93 44.39 -16.53 8.08
CA SER B 93 44.67 -17.49 7.02
C SER B 93 43.37 -18.18 6.58
N GLU B 94 43.44 -18.81 5.40
CA GLU B 94 42.28 -19.53 4.88
C GLU B 94 41.82 -20.62 5.86
N ARG B 95 42.76 -21.39 6.43
CA ARG B 95 42.38 -22.44 7.37
C ARG B 95 42.00 -21.88 8.75
N ALA B 96 42.56 -20.74 9.16
CA ALA B 96 42.07 -20.11 10.38
C ALA B 96 40.66 -19.57 10.19
N LEU B 97 40.38 -18.95 9.04
CA LEU B 97 39.03 -18.50 8.73
C LEU B 97 38.04 -19.66 8.76
N ALA B 98 38.42 -20.82 8.24
CA ALA B 98 37.51 -21.96 8.19
C ALA B 98 37.11 -22.43 9.59
N ARG B 99 38.03 -22.32 10.53
CA ARG B 99 37.75 -22.69 11.91
C ARG B 99 36.74 -21.78 12.61
N VAL B 100 36.83 -20.48 12.34
CA VAL B 100 35.98 -19.50 13.02
C VAL B 100 34.59 -19.42 12.38
N SER B 101 34.46 -19.76 11.10
CA SER B 101 33.22 -19.54 10.38
C SER B 101 32.14 -20.58 10.70
N ALA B 102 30.89 -20.15 10.56
CA ALA B 102 29.74 -21.04 10.73
C ALA B 102 29.22 -21.58 9.40
N ARG B 103 30.02 -21.47 8.35
CA ARG B 103 29.60 -21.87 7.02
C ARG B 103 30.57 -22.81 6.32
N GLU B 104 30.05 -23.56 5.36
CA GLU B 104 30.89 -24.43 4.53
C GLU B 104 31.77 -23.55 3.65
N ASN B 105 31.22 -22.45 3.16
CA ASN B 105 31.97 -21.48 2.39
C ASN B 105 32.01 -20.22 3.24
N PRO B 106 33.06 -20.05 4.01
CA PRO B 106 33.07 -18.89 4.89
C PRO B 106 33.08 -17.55 4.19
N ALA B 107 32.52 -16.54 4.86
CA ALA B 107 32.59 -15.16 4.43
C ALA B 107 34.01 -14.65 4.66
N GLN B 108 34.38 -13.59 3.92
CA GLN B 108 35.72 -13.02 4.04
C GLN B 108 35.77 -11.82 4.97
N VAL B 109 34.63 -11.33 5.44
CA VAL B 109 34.54 -10.25 6.40
C VAL B 109 33.65 -10.71 7.55
N LEU B 110 34.17 -10.59 8.78
CA LEU B 110 33.44 -10.94 9.98
C LEU B 110 33.73 -9.86 11.02
N GLY B 111 32.81 -9.70 11.96
CA GLY B 111 32.98 -8.70 13.00
C GLY B 111 32.58 -9.25 14.35
N VAL B 112 33.34 -8.92 15.38
CA VAL B 112 33.02 -9.27 16.74
C VAL B 112 32.42 -8.01 17.35
N PHE B 113 31.16 -8.08 17.72
CA PHE B 113 30.44 -6.95 18.27
C PHE B 113 30.00 -7.17 19.71
N ARG B 114 29.71 -6.09 20.40
CA ARG B 114 29.19 -6.16 21.75
C ARG B 114 27.70 -6.48 21.70
N LEU B 115 27.25 -7.39 22.56
CA LEU B 115 25.84 -7.72 22.61
C LEU B 115 25.07 -6.44 22.92
N PRO B 116 24.08 -6.12 22.09
CA PRO B 116 23.31 -4.90 22.31
C PRO B 116 22.28 -5.06 23.42
N ARG B 117 21.88 -3.96 24.02
CA ARG B 117 20.88 -4.04 25.07
C ARG B 117 19.61 -3.42 24.51
N ARG B 118 18.55 -4.22 24.44
CA ARG B 118 17.30 -3.76 23.88
C ARG B 118 16.28 -3.46 24.95
N SER B 119 15.75 -2.24 24.90
CA SER B 119 14.74 -1.82 25.85
C SER B 119 13.39 -1.65 25.17
N LEU B 120 12.42 -2.45 25.61
CA LEU B 120 11.06 -2.36 25.08
C LEU B 120 10.41 -1.02 25.39
N ALA B 121 10.87 -0.31 26.43
CA ALA B 121 10.21 0.92 26.83
C ALA B 121 10.34 2.00 25.78
N GLY B 122 11.51 2.13 25.16
CA GLY B 122 11.73 3.14 24.14
C GLY B 122 10.97 2.93 22.84
N VAL B 123 10.27 1.81 22.71
CA VAL B 123 9.51 1.51 21.50
C VAL B 123 8.24 2.34 21.50
N THR B 124 8.04 3.11 20.43
CA THR B 124 6.79 3.83 20.32
C THR B 124 6.15 3.37 19.02
N LEU B 125 4.89 3.03 19.11
CA LEU B 125 4.18 2.55 17.96
C LEU B 125 3.21 3.60 17.58
N GLY B 126 2.90 3.71 16.30
CA GLY B 126 1.92 4.67 15.92
C GLY B 126 0.52 4.09 15.91
N ALA B 127 -0.33 4.72 15.14
CA ALA B 127 -1.68 4.21 14.98
C ALA B 127 -1.65 3.12 13.91
N ALA B 128 -2.42 2.06 14.11
CA ALA B 128 -2.50 0.92 13.20
C ALA B 128 -1.16 0.20 12.94
N PRO B 129 -0.51 -0.25 14.00
CA PRO B 129 0.74 -0.95 13.78
C PRO B 129 0.53 -2.41 13.45
N LEU B 130 1.52 -2.99 12.79
CA LEU B 130 1.50 -4.41 12.45
C LEU B 130 2.48 -5.13 13.38
N VAL B 131 1.95 -6.03 14.21
CA VAL B 131 2.73 -6.64 15.29
C VAL B 131 2.66 -8.15 15.16
N LEU B 132 3.78 -8.81 15.46
CA LEU B 132 3.89 -10.26 15.41
C LEU B 132 4.38 -10.76 16.77
N VAL B 133 3.64 -11.69 17.36
CA VAL B 133 3.96 -12.23 18.68
C VAL B 133 4.22 -13.73 18.54
N LEU B 134 5.47 -14.13 18.78
CA LEU B 134 5.90 -15.52 18.65
C LEU B 134 5.98 -16.15 20.03
N LEU B 135 5.06 -17.07 20.34
CA LEU B 135 5.01 -17.66 21.66
C LEU B 135 5.73 -19.01 21.63
N GLY B 136 6.70 -19.18 22.52
CA GLY B 136 7.45 -20.43 22.59
C GLY B 136 8.67 -20.47 21.71
N LEU B 137 9.21 -21.65 21.51
CA LEU B 137 10.41 -21.76 20.72
C LEU B 137 10.42 -22.84 19.66
N GLU B 138 11.36 -22.69 18.74
CA GLU B 138 11.60 -23.63 17.65
C GLU B 138 13.07 -23.50 17.31
N LYS B 139 13.46 -23.68 16.06
CA LYS B 139 14.89 -23.53 15.76
C LYS B 139 15.24 -22.10 15.30
N PRO B 140 16.55 -21.80 15.30
CA PRO B 140 17.20 -20.53 14.90
C PRO B 140 17.03 -20.23 13.41
N GLY B 141 16.91 -21.30 12.65
CA GLY B 141 16.63 -21.13 11.26
C GLY B 141 15.27 -20.50 11.09
N ASN B 142 14.30 -21.01 11.85
CA ASN B 142 12.93 -20.52 11.77
C ASN B 142 12.80 -19.07 12.19
N LEU B 143 13.45 -18.70 13.29
CA LEU B 143 13.33 -17.34 13.74
C LEU B 143 13.93 -16.41 12.70
N GLY B 144 15.09 -16.78 12.18
CA GLY B 144 15.76 -16.00 11.17
C GLY B 144 14.86 -15.73 9.97
N ALA B 145 14.22 -16.76 9.47
CA ALA B 145 13.31 -16.58 8.33
C ALA B 145 12.09 -15.73 8.70
N ILE B 146 11.60 -15.85 9.94
CA ILE B 146 10.49 -15.00 10.33
C ILE B 146 10.90 -13.54 10.28
N LEU B 147 12.11 -13.24 10.73
CA LEU B 147 12.54 -11.83 10.80
C LEU B 147 12.71 -11.25 9.38
N ARG B 148 13.19 -12.06 8.45
CA ARG B 148 13.32 -11.61 7.03
C ARG B 148 11.95 -11.22 6.50
N ALA B 149 10.93 -12.03 6.80
CA ALA B 149 9.54 -11.76 6.35
C ALA B 149 8.99 -10.51 7.04
N ALA B 150 9.24 -10.37 8.34
CA ALA B 150 8.78 -9.16 9.09
C ALA B 150 9.42 -7.91 8.48
N ASP B 151 10.70 -8.01 8.16
CA ASP B 151 11.43 -6.88 7.52
C ASP B 151 10.79 -6.60 6.15
N GLY B 152 10.61 -7.64 5.35
CA GLY B 152 9.96 -7.49 4.04
C GLY B 152 8.57 -6.89 4.14
N ALA B 153 7.75 -7.39 5.06
CA ALA B 153 6.38 -6.91 5.11
C ALA B 153 6.25 -5.58 5.87
N GLY B 154 7.32 -5.11 6.51
CA GLY B 154 7.28 -3.87 7.26
C GLY B 154 6.57 -3.97 8.60
N ALA B 155 6.79 -5.07 9.33
CA ALA B 155 6.21 -5.17 10.65
C ALA B 155 6.79 -4.08 11.54
N ASP B 156 5.98 -3.58 12.46
CA ASP B 156 6.41 -2.54 13.37
C ASP B 156 7.05 -3.11 14.63
N LEU B 157 6.74 -4.35 14.99
CA LEU B 157 7.24 -4.90 16.23
C LEU B 157 7.11 -6.41 16.19
N VAL B 158 8.16 -7.09 16.65
CA VAL B 158 8.15 -8.53 16.82
C VAL B 158 8.53 -8.83 18.26
N LEU B 159 7.70 -9.62 18.95
CA LEU B 159 7.96 -10.09 20.30
C LEU B 159 8.16 -11.59 20.23
N VAL B 160 9.24 -12.07 20.85
CA VAL B 160 9.58 -13.49 20.87
C VAL B 160 9.62 -13.96 22.31
N ALA B 161 9.70 -15.28 22.49
CA ALA B 161 9.68 -15.84 23.83
C ALA B 161 10.90 -15.38 24.64
N GLU B 162 10.87 -15.70 25.93
CA GLU B 162 11.71 -15.01 26.90
C GLU B 162 13.19 -15.30 26.70
N GLY B 163 13.54 -16.58 26.56
CA GLY B 163 14.94 -16.94 26.44
C GLY B 163 15.34 -17.29 25.03
N VAL B 164 14.74 -16.60 24.08
CA VAL B 164 15.01 -16.81 22.66
C VAL B 164 16.27 -16.01 22.28
N ASP B 165 17.14 -16.63 21.47
CA ASP B 165 18.47 -16.08 21.18
C ASP B 165 18.43 -15.33 19.84
N LEU B 166 18.48 -14.00 19.90
CA LEU B 166 18.42 -13.18 18.70
C LEU B 166 19.73 -13.12 17.93
N PHE B 167 20.86 -13.49 18.53
CA PHE B 167 22.17 -13.24 17.93
C PHE B 167 23.01 -14.51 17.78
N SER B 168 22.37 -15.60 17.42
CA SER B 168 23.13 -16.77 17.08
C SER B 168 23.57 -16.61 15.61
N PRO B 169 24.55 -17.37 15.18
CA PRO B 169 24.94 -17.29 13.78
C PRO B 169 23.79 -17.62 12.83
N GLN B 170 22.99 -18.61 13.15
CA GLN B 170 21.85 -18.97 12.34
C GLN B 170 20.87 -17.83 12.16
N VAL B 171 20.45 -17.23 13.27
CA VAL B 171 19.51 -16.13 13.21
C VAL B 171 20.05 -15.01 12.35
N ILE B 172 21.30 -14.63 12.53
CA ILE B 172 21.87 -13.58 11.75
C ILE B 172 21.95 -13.92 10.26
N ARG B 173 22.39 -15.13 9.95
CA ARG B 173 22.50 -15.56 8.59
C ARG B 173 21.14 -15.68 7.89
N ASN B 174 20.19 -16.36 8.50
CA ASN B 174 18.87 -16.56 7.90
C ASN B 174 18.05 -15.29 7.83
N SER B 175 18.34 -14.33 8.69
CA SER B 175 17.65 -13.01 8.64
C SER B 175 18.34 -12.07 7.65
N THR B 176 19.52 -12.46 7.15
CA THR B 176 20.33 -11.59 6.25
C THR B 176 20.70 -10.31 6.98
N GLY B 177 20.87 -10.37 8.30
CA GLY B 177 21.20 -9.18 9.10
C GLY B 177 20.00 -8.29 9.45
N ALA B 178 18.81 -8.63 8.96
CA ALA B 178 17.63 -7.84 9.30
C ALA B 178 17.35 -7.82 10.81
N VAL B 179 17.88 -8.77 11.56
CA VAL B 179 17.73 -8.78 13.02
C VAL B 179 18.31 -7.53 13.67
N PHE B 180 19.23 -6.83 12.99
CA PHE B 180 19.85 -5.67 13.64
C PHE B 180 18.96 -4.44 13.61
N ALA B 181 18.32 -4.13 12.48
CA ALA B 181 17.45 -2.96 12.42
C ALA B 181 15.98 -3.28 12.71
N LEU B 182 15.65 -4.53 12.99
CA LEU B 182 14.23 -4.77 13.18
C LEU B 182 13.89 -4.68 14.67
N PRO B 183 12.74 -4.05 15.01
CA PRO B 183 12.31 -4.02 16.41
C PRO B 183 11.83 -5.37 16.92
N VAL B 184 12.77 -6.24 17.29
CA VAL B 184 12.49 -7.55 17.86
C VAL B 184 12.95 -7.54 19.29
N TYR B 185 12.12 -8.06 20.19
CA TYR B 185 12.44 -8.00 21.61
C TYR B 185 12.19 -9.35 22.27
N PRO B 186 13.17 -9.89 22.99
CA PRO B 186 12.88 -11.03 23.87
C PRO B 186 12.07 -10.53 25.06
N VAL B 187 11.02 -11.26 25.39
CA VAL B 187 10.03 -10.76 26.34
C VAL B 187 9.34 -11.96 26.98
N ALA B 188 8.77 -11.74 28.16
CA ALA B 188 8.10 -12.81 28.89
C ALA B 188 6.61 -12.87 28.53
N GLU B 189 6.04 -14.07 28.64
CA GLU B 189 4.62 -14.26 28.34
C GLU B 189 3.73 -13.22 29.00
N GLU B 190 3.92 -13.00 30.30
CA GLU B 190 3.10 -12.01 31.00
C GLU B 190 3.44 -10.61 30.55
N GLU B 191 4.72 -10.36 30.31
CA GLU B 191 5.15 -9.05 29.85
C GLU B 191 4.58 -8.77 28.46
N ALA B 192 4.60 -9.80 27.61
CA ALA B 192 4.06 -9.68 26.28
C ALA B 192 2.57 -9.43 26.35
N ALA B 193 1.90 -10.17 27.24
CA ALA B 193 0.47 -10.02 27.40
C ALA B 193 0.09 -8.63 27.87
N ARG B 194 0.81 -8.13 28.87
CA ARG B 194 0.52 -6.79 29.39
C ARG B 194 0.81 -5.69 28.40
N PHE B 195 1.90 -5.84 27.66
CA PHE B 195 2.30 -4.83 26.69
C PHE B 195 1.24 -4.67 25.63
N LEU B 196 0.69 -5.79 25.15
CA LEU B 196 -0.37 -5.75 24.15
C LEU B 196 -1.60 -5.08 24.75
N GLU B 197 -1.89 -5.41 26.00
CA GLU B 197 -3.00 -4.80 26.71
C GLU B 197 -2.76 -3.30 26.84
N GLU B 198 -1.53 -2.92 27.17
CA GLU B 198 -1.21 -1.49 27.27
C GLU B 198 -1.34 -0.83 25.91
N GLN B 199 -0.98 -1.54 24.84
CA GLN B 199 -1.07 -0.98 23.49
C GLN B 199 -2.47 -0.99 22.91
N ASN B 200 -3.40 -1.71 23.53
CA ASN B 200 -4.79 -1.78 23.07
C ASN B 200 -4.87 -2.33 21.64
N LEU B 201 -4.19 -3.45 21.42
CA LEU B 201 -4.15 -4.09 20.12
C LEU B 201 -4.97 -5.36 20.08
N PRO B 202 -5.82 -5.51 19.06
CA PRO B 202 -6.63 -6.71 18.87
C PRO B 202 -5.70 -7.87 18.52
N LEU B 203 -5.83 -8.97 19.22
CA LEU B 203 -4.99 -10.14 19.01
C LEU B 203 -5.65 -11.09 18.03
N VAL B 204 -4.92 -11.49 16.99
CA VAL B 204 -5.41 -12.46 16.01
C VAL B 204 -4.57 -13.73 16.17
N ALA B 205 -5.20 -14.81 16.66
CA ALA B 205 -4.48 -16.07 16.89
C ALA B 205 -4.55 -16.93 15.63
N ALA B 206 -3.38 -17.35 15.14
CA ALA B 206 -3.27 -18.26 13.99
C ALA B 206 -3.15 -19.69 14.52
N THR B 207 -4.18 -20.45 14.26
CA THR B 207 -4.25 -21.78 14.76
C THR B 207 -4.94 -22.61 13.74
N PRO B 208 -4.63 -23.89 13.69
CA PRO B 208 -5.22 -24.83 12.77
C PRO B 208 -6.68 -25.06 13.00
N GLU B 209 -7.17 -24.82 14.18
CA GLU B 209 -8.54 -24.94 14.49
C GLU B 209 -9.37 -23.70 14.22
N GLY B 210 -8.80 -22.58 13.82
CA GLY B 210 -9.62 -21.38 13.75
C GLY B 210 -10.67 -21.45 12.66
N GLU B 211 -11.90 -21.06 12.99
CA GLU B 211 -13.05 -21.03 12.09
C GLU B 211 -13.21 -19.74 11.30
N ARG B 212 -12.11 -19.09 10.99
CA ARG B 212 -12.09 -18.07 9.96
C ARG B 212 -10.80 -18.24 9.19
N LEU B 213 -10.89 -18.19 7.86
CA LEU B 213 -9.67 -18.12 7.06
C LEU B 213 -8.95 -16.80 7.35
N TYR B 214 -7.61 -16.84 7.29
CA TYR B 214 -6.84 -15.66 7.66
C TYR B 214 -7.09 -14.47 6.73
N TRP B 215 -7.54 -14.70 5.49
CA TRP B 215 -7.90 -13.60 4.59
C TRP B 215 -9.15 -12.84 5.03
N GLU B 216 -9.93 -13.41 5.95
CA GLU B 216 -11.17 -12.82 6.42
C GLU B 216 -10.97 -11.85 7.57
N GLY B 217 -9.82 -11.87 8.21
CA GLY B 217 -9.56 -10.88 9.24
C GLY B 217 -9.36 -9.51 8.64
N ASP B 218 -9.61 -8.48 9.45
CA ASP B 218 -9.45 -7.10 9.01
C ASP B 218 -8.22 -6.56 9.70
N TYR B 219 -7.13 -6.42 8.96
CA TYR B 219 -5.88 -5.96 9.52
C TYR B 219 -5.50 -4.56 9.09
N ARG B 220 -6.46 -3.84 8.53
CA ARG B 220 -6.27 -2.47 8.06
C ARG B 220 -5.98 -1.46 9.18
N GLY B 221 -6.55 -1.70 10.34
CA GLY B 221 -6.40 -0.82 11.47
C GLY B 221 -5.41 -1.23 12.52
N GLY B 222 -4.56 -2.18 12.22
CA GLY B 222 -3.64 -2.62 13.24
C GLY B 222 -4.04 -3.99 13.68
N VAL B 223 -3.06 -4.73 14.19
CA VAL B 223 -3.23 -6.11 14.59
C VAL B 223 -1.94 -6.67 15.20
N ALA B 224 -2.11 -7.54 16.17
CA ALA B 224 -1.01 -8.35 16.67
C ALA B 224 -1.39 -9.79 16.37
N PHE B 225 -0.63 -10.43 15.47
CA PHE B 225 -0.78 -11.85 15.21
C PHE B 225 -0.13 -12.67 16.32
N LEU B 226 -0.81 -13.72 16.75
CA LEU B 226 -0.30 -14.66 17.73
C LEU B 226 0.05 -15.97 17.05
N LEU B 227 1.30 -16.38 17.16
CA LEU B 227 1.79 -17.58 16.48
C LEU B 227 2.56 -18.44 17.49
N GLY B 228 2.12 -19.68 17.69
CA GLY B 228 2.85 -20.63 18.49
C GLY B 228 3.68 -21.57 17.64
N ALA B 229 4.50 -22.37 18.31
CA ALA B 229 5.37 -23.31 17.60
C ALA B 229 4.54 -24.37 16.90
N GLU B 230 5.08 -24.90 15.80
CA GLU B 230 4.37 -25.89 15.03
C GLU B 230 4.19 -27.16 15.78
N ASP B 231 5.17 -27.53 16.60
CA ASP B 231 5.08 -28.74 17.41
C ASP B 231 3.96 -28.61 18.43
N LYS B 232 4.19 -27.85 19.51
CA LYS B 232 3.18 -27.72 20.55
C LYS B 232 1.90 -27.07 20.04
N GLY B 233 1.93 -25.75 19.81
CA GLY B 233 0.72 -25.02 19.52
C GLY B 233 0.65 -23.70 20.28
N LEU B 234 -0.53 -23.35 20.77
CA LEU B 234 -0.77 -22.09 21.43
C LEU B 234 -1.35 -22.35 22.82
N PRO B 235 -0.78 -21.75 23.88
CA PRO B 235 -1.35 -21.97 25.23
C PRO B 235 -2.77 -21.44 25.34
N GLU B 236 -3.61 -22.15 26.07
CA GLU B 236 -5.02 -21.78 26.12
C GLU B 236 -5.23 -20.44 26.79
N ALA B 237 -4.29 -20.00 27.64
CA ALA B 237 -4.38 -18.65 28.21
C ALA B 237 -4.27 -17.59 27.13
N TRP B 238 -3.43 -17.84 26.11
CA TRP B 238 -3.36 -16.91 24.98
C TRP B 238 -4.54 -17.06 24.04
N LYS B 239 -5.06 -18.28 23.89
CA LYS B 239 -6.25 -18.49 23.05
C LYS B 239 -7.46 -17.76 23.62
N ARG B 240 -7.53 -17.56 24.94
CA ARG B 240 -8.63 -16.80 25.49
C ARG B 240 -8.46 -15.31 25.22
N ARG B 241 -7.21 -14.81 25.13
CA ARG B 241 -7.02 -13.39 24.90
C ARG B 241 -7.26 -12.96 23.46
N ALA B 242 -7.38 -13.90 22.51
CA ALA B 242 -7.48 -13.56 21.09
C ALA B 242 -8.86 -13.00 20.75
N GLN B 243 -8.87 -11.89 20.03
CA GLN B 243 -10.14 -11.37 19.50
C GLN B 243 -10.72 -12.30 18.45
N VAL B 244 -9.90 -12.73 17.48
CA VAL B 244 -10.37 -13.60 16.41
C VAL B 244 -9.36 -14.73 16.22
N ARG B 245 -9.85 -15.90 15.82
CA ARG B 245 -8.99 -17.06 15.56
C ARG B 245 -9.09 -17.44 14.09
N VAL B 246 -7.94 -17.47 13.43
CA VAL B 246 -7.85 -17.66 11.99
C VAL B 246 -6.93 -18.83 11.72
N ARG B 247 -7.14 -19.48 10.58
CA ARG B 247 -6.29 -20.58 10.14
C ARG B 247 -5.78 -20.32 8.72
N ILE B 248 -4.68 -20.97 8.39
CA ILE B 248 -4.21 -21.05 7.01
C ILE B 248 -4.92 -22.25 6.37
N PRO B 249 -5.63 -22.05 5.30
CA PRO B 249 -6.31 -23.19 4.71
C PRO B 249 -5.35 -24.23 4.13
N MET B 250 -5.67 -25.50 4.33
CA MET B 250 -4.87 -26.60 3.84
C MET B 250 -5.73 -27.51 3.00
N ARG B 251 -5.43 -27.59 1.74
CA ARG B 251 -6.22 -28.35 0.81
C ARG B 251 -5.92 -29.81 0.57
N GLY B 252 -4.84 -30.34 1.10
CA GLY B 252 -4.57 -31.76 0.91
C GLY B 252 -4.63 -32.44 2.25
N ARG B 253 -3.90 -33.54 2.39
CA ARG B 253 -3.82 -34.29 3.62
C ARG B 253 -3.13 -33.57 4.81
N ALA B 254 -2.07 -32.83 4.59
CA ALA B 254 -1.43 -32.14 5.72
C ALA B 254 -2.24 -31.00 6.28
N ASP B 255 -2.19 -30.76 7.57
CA ASP B 255 -2.90 -29.61 8.12
C ASP B 255 -1.99 -28.55 8.73
N SER B 256 -0.69 -28.74 8.57
CA SER B 256 0.31 -27.81 9.07
C SER B 256 1.47 -27.45 8.13
N LEU B 257 1.97 -26.26 8.25
CA LEU B 257 3.13 -25.80 7.52
C LEU B 257 4.20 -25.40 8.52
N ASN B 258 5.45 -25.16 8.11
CA ASN B 258 6.49 -24.62 8.99
C ASN B 258 6.04 -23.27 9.55
N VAL B 259 6.41 -23.00 10.80
CA VAL B 259 5.90 -21.80 11.48
C VAL B 259 6.33 -20.53 10.76
N ALA B 260 7.53 -20.53 10.19
CA ALA B 260 8.00 -19.32 9.54
C ALA B 260 7.21 -19.03 8.28
N VAL B 261 6.74 -20.08 7.59
CA VAL B 261 5.90 -19.90 6.41
C VAL B 261 4.54 -19.30 6.80
N THR B 262 3.93 -19.82 7.87
CA THR B 262 2.70 -19.24 8.38
C THR B 262 2.88 -17.77 8.73
N ALA B 263 4.01 -17.43 9.36
CA ALA B 263 4.26 -16.05 9.72
C ALA B 263 4.34 -15.17 8.46
N ALA B 264 5.09 -15.62 7.44
CA ALA B 264 5.16 -14.84 6.21
C ALA B 264 3.78 -14.67 5.57
N LEU B 265 2.96 -15.73 5.57
CA LEU B 265 1.64 -15.63 4.95
C LEU B 265 0.75 -14.62 5.66
N LEU B 266 0.80 -14.59 7.00
CA LEU B 266 -0.03 -13.64 7.75
C LEU B 266 0.43 -12.21 7.51
N LEU B 267 1.75 -11.97 7.60
CA LEU B 267 2.29 -10.62 7.43
C LEU B 267 1.97 -10.07 6.06
N TYR B 268 2.15 -10.87 5.00
CA TYR B 268 1.89 -10.31 3.68
C TYR B 268 0.42 -10.17 3.40
N GLU B 269 -0.44 -10.95 4.07
CA GLU B 269 -1.87 -10.68 3.98
C GLU B 269 -2.22 -9.36 4.64
N ALA B 270 -1.64 -9.06 5.81
CA ALA B 270 -1.86 -7.73 6.37
C ALA B 270 -1.32 -6.64 5.42
N LEU B 271 -0.14 -6.85 4.82
CA LEU B 271 0.38 -5.85 3.89
C LEU B 271 -0.54 -5.68 2.68
N ARG B 272 -1.12 -6.78 2.18
CA ARG B 272 -2.07 -6.65 1.08
C ARG B 272 -3.19 -5.70 1.42
N GLN B 273 -3.78 -5.88 2.61
CA GLN B 273 -4.90 -5.04 3.02
C GLN B 273 -4.46 -3.60 3.24
N ARG B 274 -3.28 -3.43 3.81
CA ARG B 274 -2.75 -2.10 4.06
C ARG B 274 -2.41 -1.35 2.78
N SER B 275 -2.15 -2.08 1.70
CA SER B 275 -1.89 -1.49 0.40
C SER B 275 -3.16 -1.27 -0.42
N GLY B 276 -4.33 -1.42 0.19
CA GLY B 276 -5.59 -1.18 -0.48
C GLY B 276 -6.47 -2.40 -0.69
N GLY B 277 -6.07 -3.59 -0.24
CA GLY B 277 -6.89 -4.76 -0.45
C GLY B 277 -7.97 -4.92 0.62
N ALA B 278 -9.01 -5.58 0.25
CA ALA B 278 -10.09 -5.74 1.21
C ALA B 278 -10.04 -7.13 1.82
N PRO B 279 -10.46 -7.26 3.08
CA PRO B 279 -10.62 -8.59 3.68
C PRO B 279 -11.58 -9.44 2.86
N LEU B 280 -11.34 -10.75 2.86
CA LEU B 280 -12.19 -11.67 2.11
C LEU B 280 -13.55 -11.83 2.79
N MET C 21 -12.12 58.44 -29.73
CA MET C 21 -13.27 57.67 -30.14
C MET C 21 -13.90 56.99 -28.93
N ARG C 22 -14.59 57.80 -28.14
CA ARG C 22 -15.21 57.39 -26.90
C ARG C 22 -16.73 57.51 -26.89
N ILE C 23 -17.43 56.46 -26.51
CA ILE C 23 -18.88 56.50 -26.45
C ILE C 23 -19.32 56.91 -25.05
N GLU C 24 -20.11 57.96 -24.99
CA GLU C 24 -20.55 58.53 -23.75
C GLU C 24 -21.86 58.05 -23.16
N SER C 25 -22.89 57.97 -23.98
CA SER C 25 -24.19 57.58 -23.49
C SER C 25 -24.34 56.09 -23.36
N PRO C 26 -25.03 55.64 -22.29
CA PRO C 26 -25.35 54.25 -22.02
C PRO C 26 -26.50 53.76 -22.92
N GLN C 27 -27.24 54.69 -23.51
CA GLN C 27 -28.33 54.41 -24.43
C GLN C 27 -27.83 54.30 -25.87
N ASN C 28 -26.54 54.49 -26.08
CA ASN C 28 -25.97 54.37 -27.42
C ASN C 28 -26.25 52.96 -27.93
N PRO C 29 -26.75 52.85 -29.17
CA PRO C 29 -27.08 51.55 -29.76
C PRO C 29 -26.00 50.50 -29.62
N ARG C 30 -24.75 50.87 -29.81
CA ARG C 30 -23.67 49.90 -29.68
C ARG C 30 -23.58 49.41 -28.25
N VAL C 31 -23.69 50.32 -27.29
CA VAL C 31 -23.62 49.95 -25.88
C VAL C 31 -24.75 49.02 -25.50
N LYS C 32 -25.94 49.30 -26.00
CA LYS C 32 -27.08 48.45 -25.70
C LYS C 32 -26.81 47.03 -26.19
N ALA C 33 -26.32 46.92 -27.43
CA ALA C 33 -26.06 45.63 -28.03
C ALA C 33 -25.01 44.83 -27.26
N LEU C 34 -23.94 45.51 -26.84
CA LEU C 34 -22.90 44.86 -26.07
C LEU C 34 -23.43 44.36 -24.74
N ALA C 35 -24.24 45.17 -24.08
CA ALA C 35 -24.80 44.80 -22.79
C ALA C 35 -25.67 43.54 -22.87
N ALA C 36 -26.37 43.38 -23.99
CA ALA C 36 -27.21 42.22 -24.20
C ALA C 36 -26.46 40.91 -24.11
N LEU C 37 -25.16 40.95 -24.37
CA LEU C 37 -24.32 39.75 -24.34
C LEU C 37 -24.26 39.06 -22.98
N LYS C 38 -24.83 39.66 -21.96
CA LYS C 38 -24.81 39.05 -20.66
C LYS C 38 -25.73 37.83 -20.56
N GLU C 39 -26.71 37.74 -21.46
CA GLU C 39 -27.64 36.61 -21.49
C GLU C 39 -27.15 35.57 -22.48
N ARG C 40 -27.21 34.28 -22.07
CA ARG C 40 -26.76 33.20 -22.95
C ARG C 40 -27.49 33.21 -24.28
N LYS C 41 -28.79 33.42 -24.27
CA LYS C 41 -29.55 33.42 -25.50
C LYS C 41 -29.07 34.47 -26.50
N GLU C 42 -28.71 35.66 -26.03
CA GLU C 42 -28.19 36.70 -26.90
C GLU C 42 -26.85 36.26 -27.49
N ARG C 43 -26.03 35.60 -26.67
CA ARG C 43 -24.73 35.11 -27.13
C ARG C 43 -24.93 34.08 -28.23
N GLU C 44 -25.91 33.21 -28.04
CA GLU C 44 -26.21 32.19 -29.03
C GLU C 44 -26.65 32.80 -30.36
N ARG C 45 -27.50 33.83 -30.31
CA ARG C 45 -27.93 34.49 -31.53
C ARG C 45 -26.81 35.25 -32.25
N THR C 46 -26.05 36.03 -31.49
CA THR C 46 -24.93 36.81 -32.00
C THR C 46 -23.66 36.07 -32.41
N GLY C 47 -23.30 35.06 -31.63
CA GLY C 47 -22.08 34.32 -31.89
C GLY C 47 -20.90 35.00 -31.23
N ARG C 48 -21.20 35.86 -30.26
CA ARG C 48 -20.19 36.63 -29.56
C ARG C 48 -20.39 36.52 -28.06
N PHE C 49 -19.32 36.74 -27.30
CA PHE C 49 -19.40 36.71 -25.85
C PHE C 49 -18.42 37.70 -25.24
N LEU C 50 -18.72 38.13 -24.02
CA LEU C 50 -17.91 39.09 -23.31
C LEU C 50 -16.96 38.47 -22.32
N VAL C 51 -15.74 38.97 -22.32
CA VAL C 51 -14.70 38.52 -21.38
C VAL C 51 -14.30 39.74 -20.57
N GLU C 52 -14.56 39.69 -19.28
CA GLU C 52 -14.44 40.85 -18.40
C GLU C 52 -13.20 40.73 -17.52
N GLY C 53 -12.40 41.78 -17.47
CA GLY C 53 -11.20 41.75 -16.66
C GLY C 53 -9.95 41.62 -17.49
N ARG C 54 -8.94 42.37 -17.12
CA ARG C 54 -7.73 42.40 -17.87
C ARG C 54 -7.09 41.02 -17.94
N ARG C 55 -7.05 40.33 -16.83
CA ARG C 55 -6.44 39.02 -16.84
C ARG C 55 -7.14 37.99 -17.72
N GLU C 56 -8.46 37.98 -17.66
CA GLU C 56 -9.24 37.05 -18.45
C GLU C 56 -9.07 37.33 -19.94
N VAL C 57 -9.02 38.61 -20.29
CA VAL C 57 -8.80 39.00 -21.68
C VAL C 57 -7.42 38.52 -22.15
N GLU C 58 -6.42 38.62 -21.30
CA GLU C 58 -5.09 38.16 -21.67
C GLU C 58 -5.09 36.66 -21.95
N ARG C 59 -5.76 35.91 -21.10
CA ARG C 59 -5.82 34.46 -21.25
C ARG C 59 -6.56 34.09 -22.53
N ALA C 60 -7.67 34.77 -22.79
CA ALA C 60 -8.44 34.50 -24.00
C ALA C 60 -7.62 34.82 -25.24
N LEU C 61 -6.86 35.92 -25.22
CA LEU C 61 -5.97 36.23 -26.35
C LEU C 61 -4.85 35.20 -26.46
N GLU C 62 -4.23 34.85 -25.33
CA GLU C 62 -3.12 33.90 -25.34
C GLU C 62 -3.57 32.54 -25.84
N ALA C 63 -4.85 32.21 -25.65
CA ALA C 63 -5.42 30.96 -26.14
C ALA C 63 -5.76 31.00 -27.61
N GLY C 64 -5.65 32.17 -28.25
CA GLY C 64 -5.95 32.27 -29.66
C GLY C 64 -7.39 32.55 -30.02
N LEU C 65 -8.24 32.97 -29.08
CA LEU C 65 -9.61 33.35 -29.44
C LEU C 65 -9.60 34.67 -30.20
N SER C 66 -10.57 34.83 -31.10
CA SER C 66 -10.64 35.95 -32.03
C SER C 66 -11.31 37.15 -31.36
N LEU C 67 -10.52 38.16 -31.04
CA LEU C 67 -11.05 39.37 -30.42
C LEU C 67 -11.67 40.25 -31.50
N GLU C 68 -12.92 40.64 -31.31
CA GLU C 68 -13.56 41.48 -32.27
C GLU C 68 -13.46 42.93 -31.84
N THR C 69 -13.82 43.19 -30.58
CA THR C 69 -13.81 44.54 -30.05
C THR C 69 -13.25 44.52 -28.64
N LEU C 70 -12.29 45.40 -28.37
CA LEU C 70 -11.73 45.61 -27.05
C LEU C 70 -12.41 46.83 -26.43
N LEU C 71 -12.93 46.69 -25.24
CA LEU C 71 -13.61 47.78 -24.57
C LEU C 71 -12.73 48.34 -23.47
N LEU C 72 -12.50 49.64 -23.48
CA LEU C 72 -11.66 50.25 -22.46
C LEU C 72 -12.38 51.34 -21.69
N GLY C 73 -12.30 51.27 -20.37
CA GLY C 73 -12.91 52.28 -19.53
C GLY C 73 -11.98 53.48 -19.38
N PRO C 74 -12.45 54.54 -18.73
CA PRO C 74 -11.63 55.73 -18.57
C PRO C 74 -10.35 55.51 -17.77
N LYS C 75 -10.29 54.48 -16.93
CA LYS C 75 -9.13 54.22 -16.13
C LYS C 75 -8.20 53.12 -16.68
N ALA C 76 -8.37 52.73 -17.92
CA ALA C 76 -7.48 51.76 -18.51
C ALA C 76 -6.05 52.32 -18.72
N ARG C 77 -5.06 51.44 -18.72
CA ARG C 77 -3.67 51.81 -18.93
C ARG C 77 -3.34 51.89 -20.38
N PRO C 78 -2.30 52.63 -20.72
CA PRO C 78 -1.90 52.68 -22.15
C PRO C 78 -1.56 51.34 -22.74
N GLU C 79 -1.05 50.39 -21.95
CA GLU C 79 -0.73 49.07 -22.51
C GLU C 79 -1.97 48.32 -22.97
N ASP C 80 -3.11 48.53 -22.29
CA ASP C 80 -4.33 47.80 -22.63
C ASP C 80 -4.72 47.95 -24.09
N ARG C 81 -4.56 49.15 -24.63
CA ARG C 81 -4.91 49.39 -26.03
C ARG C 81 -4.10 48.52 -26.96
N ALA C 82 -2.85 48.21 -26.58
CA ALA C 82 -1.99 47.39 -27.42
C ALA C 82 -2.38 45.92 -27.41
N LEU C 83 -3.26 45.50 -26.49
CA LEU C 83 -3.82 44.14 -26.51
C LEU C 83 -4.71 43.88 -27.72
N ALA C 84 -5.23 44.92 -28.37
CA ALA C 84 -6.26 44.72 -29.39
C ALA C 84 -5.73 43.98 -30.61
N GLY C 85 -4.43 44.08 -30.87
CA GLY C 85 -3.82 43.35 -31.97
C GLY C 85 -4.44 43.61 -33.33
N GLY C 86 -4.91 44.83 -33.57
CA GLY C 86 -5.57 45.16 -34.80
C GLY C 86 -7.08 45.14 -34.74
N ALA C 87 -7.67 44.54 -33.70
CA ALA C 87 -9.11 44.60 -33.55
C ALA C 87 -9.57 46.01 -33.24
N GLU C 88 -10.87 46.22 -33.33
CA GLU C 88 -11.48 47.48 -33.01
C GLU C 88 -11.31 47.78 -31.52
N VAL C 89 -11.01 49.03 -31.19
CA VAL C 89 -10.89 49.47 -29.81
C VAL C 89 -11.91 50.56 -29.56
N LEU C 90 -12.71 50.35 -28.52
CA LEU C 90 -13.74 51.30 -28.15
C LEU C 90 -13.58 51.82 -26.75
N GLU C 91 -13.48 53.13 -26.62
CA GLU C 91 -13.36 53.73 -25.32
C GLU C 91 -14.76 54.00 -24.84
N LEU C 92 -15.03 53.67 -23.60
CA LEU C 92 -16.35 53.89 -23.08
C LEU C 92 -16.26 54.77 -21.88
N SER C 93 -17.33 55.50 -21.62
CA SER C 93 -17.44 56.35 -20.45
C SER C 93 -17.76 55.49 -19.24
N GLU C 94 -17.56 56.02 -18.05
CA GLU C 94 -17.89 55.26 -16.85
C GLU C 94 -19.35 54.80 -16.84
N ARG C 95 -20.26 55.63 -17.31
CA ARG C 95 -21.68 55.24 -17.41
C ARG C 95 -21.93 54.15 -18.45
N ALA C 96 -21.31 54.26 -19.61
CA ALA C 96 -21.48 53.28 -20.65
C ALA C 96 -20.88 51.96 -20.21
N LEU C 97 -19.76 52.05 -19.52
CA LEU C 97 -19.05 50.89 -19.01
C LEU C 97 -19.84 50.12 -17.99
N ALA C 98 -20.53 50.84 -17.13
CA ALA C 98 -21.35 50.22 -16.10
C ALA C 98 -22.48 49.39 -16.71
N ARG C 99 -23.04 49.91 -17.79
CA ARG C 99 -24.12 49.27 -18.52
C ARG C 99 -23.67 47.92 -19.09
N VAL C 100 -22.49 47.91 -19.68
CA VAL C 100 -21.95 46.68 -20.27
C VAL C 100 -21.45 45.72 -19.21
N SER C 101 -20.82 46.24 -18.17
CA SER C 101 -20.28 45.42 -17.11
C SER C 101 -21.32 44.65 -16.35
N ALA C 102 -20.93 43.45 -15.96
CA ALA C 102 -21.77 42.56 -15.20
C ALA C 102 -21.44 42.66 -13.73
N ARG C 103 -20.62 43.62 -13.35
CA ARG C 103 -20.19 43.74 -11.96
C ARG C 103 -20.50 44.98 -11.21
N GLU C 104 -20.47 44.83 -9.90
CA GLU C 104 -20.64 46.02 -9.07
C GLU C 104 -19.48 46.97 -9.26
N ASN C 105 -18.25 46.45 -9.27
CA ASN C 105 -17.10 47.26 -9.63
C ASN C 105 -16.65 46.87 -11.03
N PRO C 106 -17.01 47.64 -12.07
CA PRO C 106 -16.73 47.20 -13.45
C PRO C 106 -15.24 47.17 -13.76
N ALA C 107 -14.84 46.17 -14.55
CA ALA C 107 -13.46 46.10 -15.02
C ALA C 107 -13.17 47.25 -15.97
N GLN C 108 -11.90 47.54 -16.15
CA GLN C 108 -11.48 48.57 -17.06
C GLN C 108 -11.14 48.00 -18.44
N VAL C 109 -10.98 46.69 -18.52
CA VAL C 109 -10.72 46.02 -19.79
C VAL C 109 -11.76 44.93 -19.95
N LEU C 110 -12.37 44.89 -21.13
CA LEU C 110 -13.30 43.86 -21.49
C LEU C 110 -13.11 43.54 -22.96
N GLY C 111 -13.33 42.31 -23.34
CA GLY C 111 -13.19 41.92 -24.74
C GLY C 111 -14.46 41.27 -25.22
N VAL C 112 -14.79 41.54 -26.47
CA VAL C 112 -15.91 40.90 -27.12
C VAL C 112 -15.23 39.93 -28.08
N PHE C 113 -15.35 38.64 -27.81
CA PHE C 113 -14.74 37.62 -28.63
C PHE C 113 -15.77 36.85 -29.43
N ARG C 114 -15.30 36.14 -30.44
CA ARG C 114 -16.15 35.32 -31.26
C ARG C 114 -16.30 33.98 -30.54
N LEU C 115 -17.53 33.51 -30.39
CA LEU C 115 -17.75 32.23 -29.75
C LEU C 115 -17.17 31.14 -30.62
N PRO C 116 -16.26 30.34 -30.09
CA PRO C 116 -15.73 29.29 -30.96
C PRO C 116 -16.84 28.26 -31.15
N ARG C 117 -17.18 27.95 -32.39
CA ARG C 117 -18.21 26.97 -32.68
C ARG C 117 -17.49 25.75 -33.26
N ARG C 118 -16.89 25.01 -32.35
CA ARG C 118 -16.09 23.83 -32.64
C ARG C 118 -16.87 22.54 -32.69
N SER C 119 -16.49 21.66 -33.61
CA SER C 119 -17.11 20.35 -33.70
C SER C 119 -16.10 19.30 -33.26
N LEU C 120 -16.60 18.27 -32.55
CA LEU C 120 -15.71 17.19 -32.19
C LEU C 120 -15.16 16.48 -33.41
N ALA C 121 -15.92 16.50 -34.52
CA ALA C 121 -15.50 15.83 -35.73
C ALA C 121 -14.19 16.40 -36.27
N GLY C 122 -13.97 17.69 -36.07
CA GLY C 122 -12.74 18.29 -36.50
C GLY C 122 -11.52 18.01 -35.65
N VAL C 123 -11.64 17.21 -34.59
CA VAL C 123 -10.60 17.10 -33.57
C VAL C 123 -9.56 16.04 -33.97
N THR C 124 -8.28 16.42 -33.86
CA THR C 124 -7.14 15.53 -33.94
C THR C 124 -6.33 15.63 -32.64
N LEU C 125 -6.04 14.47 -32.06
CA LEU C 125 -5.33 14.32 -30.78
C LEU C 125 -3.86 14.00 -30.98
N GLY C 126 -3.02 14.44 -30.05
CA GLY C 126 -1.62 14.02 -30.10
C GLY C 126 -1.40 12.56 -29.77
N ALA C 127 -0.16 12.15 -29.51
CA ALA C 127 0.11 10.79 -29.11
C ALA C 127 -0.29 10.59 -27.65
N ALA C 128 -0.81 9.39 -27.34
CA ALA C 128 -1.17 8.99 -26.00
C ALA C 128 -1.98 10.06 -25.25
N PRO C 129 -3.14 10.44 -25.77
CA PRO C 129 -3.83 11.62 -25.24
C PRO C 129 -4.52 11.35 -23.91
N LEU C 130 -4.61 12.42 -23.14
CA LEU C 130 -5.29 12.42 -21.85
C LEU C 130 -6.65 13.08 -22.03
N VAL C 131 -7.72 12.30 -21.88
CA VAL C 131 -9.09 12.74 -22.10
C VAL C 131 -9.89 12.58 -20.81
N LEU C 132 -10.69 13.59 -20.49
CA LEU C 132 -11.61 13.57 -19.36
C LEU C 132 -13.04 13.70 -19.88
N VAL C 133 -13.91 12.80 -19.45
CA VAL C 133 -15.29 12.76 -19.89
C VAL C 133 -16.19 13.01 -18.69
N LEU C 134 -16.83 14.18 -18.65
CA LEU C 134 -17.66 14.58 -17.52
C LEU C 134 -19.09 14.25 -17.86
N LEU C 135 -19.66 13.31 -17.13
CA LEU C 135 -21.00 12.83 -17.42
C LEU C 135 -21.94 13.40 -16.40
N GLY C 136 -23.06 13.88 -16.88
CA GLY C 136 -23.97 14.54 -15.99
C GLY C 136 -23.66 16.01 -15.85
N LEU C 137 -24.66 16.67 -15.30
CA LEU C 137 -24.65 18.10 -15.11
C LEU C 137 -24.06 18.36 -13.78
N GLU C 138 -23.37 19.47 -13.67
CA GLU C 138 -22.64 19.66 -12.41
C GLU C 138 -23.28 20.75 -11.54
N LYS C 139 -23.10 20.61 -10.22
CA LYS C 139 -23.35 21.77 -9.36
C LYS C 139 -22.34 22.84 -9.76
N PRO C 140 -22.81 24.04 -10.07
CA PRO C 140 -21.92 25.14 -10.48
C PRO C 140 -20.77 25.34 -9.50
N GLY C 141 -19.57 25.50 -10.02
CA GLY C 141 -18.41 25.71 -9.20
C GLY C 141 -17.43 24.56 -9.37
N ASN C 142 -17.97 23.36 -9.47
CA ASN C 142 -17.14 22.17 -9.66
C ASN C 142 -16.57 22.12 -11.06
N LEU C 143 -17.35 22.57 -12.04
CA LEU C 143 -16.90 22.57 -13.42
C LEU C 143 -15.68 23.45 -13.59
N GLY C 144 -15.74 24.65 -13.03
CA GLY C 144 -14.64 25.59 -13.12
C GLY C 144 -13.37 25.00 -12.54
N ALA C 145 -13.48 24.35 -11.39
CA ALA C 145 -12.31 23.76 -10.75
C ALA C 145 -11.80 22.56 -11.52
N ILE C 146 -12.69 21.77 -12.11
CA ILE C 146 -12.22 20.62 -12.87
C ILE C 146 -11.38 21.08 -14.06
N LEU C 147 -11.80 22.16 -14.71
CA LEU C 147 -11.11 22.61 -15.91
C LEU C 147 -9.74 23.17 -15.57
N ARG C 148 -9.60 23.82 -14.41
CA ARG C 148 -8.28 24.26 -13.97
C ARG C 148 -7.35 23.07 -13.77
N ALA C 149 -7.83 22.03 -13.08
CA ALA C 149 -7.03 20.82 -12.90
C ALA C 149 -6.67 20.21 -14.23
N ALA C 150 -7.64 20.13 -15.14
CA ALA C 150 -7.35 19.55 -16.45
C ALA C 150 -6.32 20.38 -17.19
N ASP C 151 -6.38 21.70 -17.01
CA ASP C 151 -5.44 22.60 -17.64
C ASP C 151 -4.04 22.40 -17.06
N GLY C 152 -3.95 22.29 -15.74
CA GLY C 152 -2.65 22.11 -15.11
C GLY C 152 -1.99 20.81 -15.54
N ALA C 153 -2.79 19.75 -15.59
CA ALA C 153 -2.33 18.42 -15.99
C ALA C 153 -1.92 18.36 -17.45
N GLY C 154 -2.57 19.16 -18.27
CA GLY C 154 -2.24 19.16 -19.66
C GLY C 154 -3.12 18.19 -20.41
N ALA C 155 -4.39 18.09 -20.01
CA ALA C 155 -5.33 17.24 -20.71
C ALA C 155 -5.48 17.72 -22.13
N ASP C 156 -5.60 16.78 -23.03
CA ASP C 156 -5.71 17.09 -24.44
C ASP C 156 -7.13 17.35 -24.87
N LEU C 157 -8.11 16.90 -24.08
CA LEU C 157 -9.51 17.03 -24.43
C LEU C 157 -10.39 16.81 -23.21
N VAL C 158 -11.41 17.63 -23.07
CA VAL C 158 -12.47 17.47 -22.06
C VAL C 158 -13.83 17.47 -22.76
N LEU C 159 -14.63 16.44 -22.48
CA LEU C 159 -15.99 16.34 -23.00
C LEU C 159 -16.96 16.61 -21.86
N VAL C 160 -17.93 17.49 -22.09
CA VAL C 160 -18.97 17.79 -21.11
C VAL C 160 -20.33 17.55 -21.77
N ALA C 161 -21.38 17.66 -20.97
CA ALA C 161 -22.73 17.39 -21.44
C ALA C 161 -23.14 18.38 -22.54
N GLU C 162 -24.14 17.95 -23.33
CA GLU C 162 -24.54 18.67 -24.54
C GLU C 162 -25.00 20.10 -24.23
N GLY C 163 -25.68 20.31 -23.13
CA GLY C 163 -26.20 21.63 -22.82
C GLY C 163 -25.28 22.60 -22.07
N VAL C 164 -24.03 22.21 -21.79
CA VAL C 164 -23.21 23.02 -20.88
C VAL C 164 -22.74 24.30 -21.58
N ASP C 165 -22.86 25.41 -20.86
CA ASP C 165 -22.43 26.73 -21.31
C ASP C 165 -20.99 26.95 -20.85
N LEU C 166 -20.07 26.93 -21.79
CA LEU C 166 -18.66 27.09 -21.47
C LEU C 166 -18.21 28.55 -21.45
N PHE C 167 -19.09 29.50 -21.81
CA PHE C 167 -18.62 30.86 -22.03
C PHE C 167 -19.41 31.90 -21.22
N SER C 168 -20.06 31.48 -20.16
CA SER C 168 -20.70 32.38 -19.21
C SER C 168 -19.66 33.07 -18.33
N PRO C 169 -20.01 34.22 -17.76
CA PRO C 169 -19.14 34.84 -16.75
C PRO C 169 -18.75 33.92 -15.60
N GLN C 170 -19.68 33.13 -15.07
CA GLN C 170 -19.31 32.27 -13.95
C GLN C 170 -18.28 31.22 -14.32
N VAL C 171 -18.42 30.57 -15.46
CA VAL C 171 -17.46 29.54 -15.85
C VAL C 171 -16.09 30.13 -16.11
N ILE C 172 -16.04 31.30 -16.75
CA ILE C 172 -14.77 31.96 -17.00
C ILE C 172 -14.10 32.29 -15.67
N ARG C 173 -14.87 32.83 -14.72
CA ARG C 173 -14.30 33.23 -13.44
C ARG C 173 -13.89 32.00 -12.62
N ASN C 174 -14.77 31.02 -12.52
CA ASN C 174 -14.49 29.82 -11.75
C ASN C 174 -13.30 29.03 -12.27
N SER C 175 -13.11 29.01 -13.58
CA SER C 175 -11.97 28.32 -14.17
C SER C 175 -10.72 29.18 -14.23
N THR C 176 -10.81 30.44 -13.79
CA THR C 176 -9.75 31.43 -13.97
C THR C 176 -9.21 31.42 -15.40
N GLY C 177 -10.13 31.33 -16.36
CA GLY C 177 -9.76 31.39 -17.77
C GLY C 177 -9.27 30.09 -18.35
N ALA C 178 -9.14 29.03 -17.54
CA ALA C 178 -8.68 27.76 -18.09
C ALA C 178 -9.64 27.23 -19.14
N VAL C 179 -10.89 27.67 -19.11
CA VAL C 179 -11.83 27.26 -20.15
C VAL C 179 -11.35 27.69 -21.53
N PHE C 180 -10.57 28.79 -21.65
CA PHE C 180 -10.08 29.19 -22.97
C PHE C 180 -8.92 28.33 -23.44
N ALA C 181 -8.06 27.89 -22.52
CA ALA C 181 -6.80 27.24 -22.87
C ALA C 181 -6.95 25.77 -23.27
N LEU C 182 -8.16 25.23 -23.25
CA LEU C 182 -8.37 23.81 -23.15
C LEU C 182 -9.42 23.42 -24.17
N PRO C 183 -9.18 22.39 -24.99
CA PRO C 183 -10.24 21.93 -25.90
C PRO C 183 -11.36 21.27 -25.10
N VAL C 184 -12.50 21.95 -25.01
CA VAL C 184 -13.66 21.51 -24.25
C VAL C 184 -14.85 21.51 -25.18
N TYR C 185 -15.52 20.35 -25.26
CA TYR C 185 -16.58 20.12 -26.24
C TYR C 185 -17.82 19.63 -25.51
N PRO C 186 -18.92 20.37 -25.52
CA PRO C 186 -20.19 19.83 -25.05
C PRO C 186 -20.71 18.89 -26.13
N VAL C 187 -20.97 17.63 -25.78
CA VAL C 187 -21.34 16.63 -26.78
C VAL C 187 -22.37 15.68 -26.18
N ALA C 188 -23.19 15.10 -27.07
CA ALA C 188 -24.12 14.08 -26.66
C ALA C 188 -23.36 12.80 -26.28
N GLU C 189 -23.90 12.06 -25.31
CA GLU C 189 -23.23 10.84 -24.82
C GLU C 189 -22.78 9.92 -25.96
N GLU C 190 -23.67 9.70 -26.92
CA GLU C 190 -23.39 8.80 -28.02
C GLU C 190 -22.27 9.34 -28.92
N GLU C 191 -22.26 10.64 -29.15
CA GLU C 191 -21.20 11.22 -29.97
C GLU C 191 -19.85 11.04 -29.29
N ALA C 192 -19.81 11.24 -27.98
CA ALA C 192 -18.59 11.06 -27.25
C ALA C 192 -18.14 9.60 -27.32
N ALA C 193 -19.08 8.68 -27.18
CA ALA C 193 -18.72 7.27 -27.22
C ALA C 193 -18.12 6.86 -28.55
N ARG C 194 -18.71 7.29 -29.65
CA ARG C 194 -18.19 6.93 -30.96
C ARG C 194 -16.79 7.50 -31.17
N PHE C 195 -16.60 8.74 -30.73
CA PHE C 195 -15.31 9.40 -30.90
C PHE C 195 -14.22 8.69 -30.13
N LEU C 196 -14.50 8.33 -28.89
CA LEU C 196 -13.52 7.66 -28.04
C LEU C 196 -13.16 6.30 -28.63
N GLU C 197 -14.15 5.60 -29.13
CA GLU C 197 -13.92 4.29 -29.74
C GLU C 197 -12.99 4.42 -30.94
N GLU C 198 -13.22 5.43 -31.76
CA GLU C 198 -12.40 5.65 -32.94
C GLU C 198 -10.96 5.93 -32.57
N GLN C 199 -10.76 6.63 -31.46
CA GLN C 199 -9.40 6.92 -31.01
C GLN C 199 -8.74 5.73 -30.33
N ASN C 200 -9.44 4.61 -30.13
CA ASN C 200 -8.89 3.45 -29.44
C ASN C 200 -8.47 3.81 -28.02
N LEU C 201 -9.23 4.70 -27.41
CA LEU C 201 -8.88 5.15 -26.06
C LEU C 201 -9.46 4.19 -25.03
N PRO C 202 -8.68 3.72 -24.07
CA PRO C 202 -9.25 2.90 -22.99
C PRO C 202 -10.17 3.74 -22.12
N LEU C 203 -11.39 3.24 -21.91
CA LEU C 203 -12.39 3.90 -21.08
C LEU C 203 -12.13 3.45 -19.65
N VAL C 204 -11.84 4.41 -18.79
CA VAL C 204 -11.55 4.14 -17.40
C VAL C 204 -12.52 4.91 -16.51
N ALA C 205 -13.42 4.19 -15.87
CA ALA C 205 -14.41 4.81 -15.00
C ALA C 205 -13.92 4.96 -13.58
N ALA C 206 -14.11 6.14 -13.02
CA ALA C 206 -13.71 6.40 -11.65
C ALA C 206 -14.93 6.21 -10.79
N THR C 207 -14.85 5.26 -9.87
CA THR C 207 -15.98 4.93 -9.03
C THR C 207 -15.51 4.50 -7.65
N PRO C 208 -16.33 4.73 -6.63
CA PRO C 208 -16.07 4.41 -5.22
C PRO C 208 -15.72 2.96 -4.98
N GLU C 209 -16.37 2.05 -5.71
CA GLU C 209 -16.16 0.62 -5.57
C GLU C 209 -15.38 -0.03 -6.73
N GLY C 210 -14.61 0.75 -7.47
CA GLY C 210 -13.89 0.20 -8.60
C GLY C 210 -12.97 -0.94 -8.22
N GLU C 211 -12.91 -1.94 -9.08
CA GLU C 211 -12.13 -3.14 -8.83
C GLU C 211 -10.62 -2.97 -8.69
N ARG C 212 -10.07 -1.91 -9.27
CA ARG C 212 -8.64 -1.64 -9.21
C ARG C 212 -8.32 -0.27 -8.64
N LEU C 213 -7.12 -0.12 -8.08
CA LEU C 213 -6.70 1.17 -7.57
C LEU C 213 -6.40 2.01 -8.81
N TYR C 214 -6.66 3.31 -8.75
CA TYR C 214 -6.44 4.13 -9.95
C TYR C 214 -5.00 4.12 -10.40
N TRP C 215 -4.02 3.86 -9.52
CA TRP C 215 -2.62 3.76 -9.97
C TRP C 215 -2.37 2.58 -10.88
N GLU C 216 -3.30 1.62 -10.91
CA GLU C 216 -3.02 0.36 -11.55
C GLU C 216 -3.40 0.35 -13.02
N GLY C 217 -4.15 1.35 -13.49
CA GLY C 217 -4.44 1.43 -14.90
C GLY C 217 -3.17 1.76 -15.65
N ASP C 218 -3.10 1.27 -16.88
CA ASP C 218 -1.96 1.57 -17.75
C ASP C 218 -2.41 2.70 -18.65
N TYR C 219 -1.91 3.91 -18.38
CA TYR C 219 -2.32 5.10 -19.12
C TYR C 219 -1.26 5.55 -20.11
N ARG C 220 -0.24 4.73 -20.35
CA ARG C 220 0.90 5.14 -21.14
C ARG C 220 0.58 5.31 -22.61
N GLY C 221 -0.47 4.70 -23.11
CA GLY C 221 -0.85 4.91 -24.49
C GLY C 221 -2.06 5.83 -24.58
N GLY C 222 -2.36 6.56 -23.50
CA GLY C 222 -3.53 7.41 -23.48
C GLY C 222 -4.68 6.78 -22.70
N VAL C 223 -5.67 7.61 -22.33
CA VAL C 223 -6.77 7.16 -21.48
C VAL C 223 -7.89 8.18 -21.58
N ALA C 224 -9.13 7.70 -21.50
CA ALA C 224 -10.28 8.56 -21.32
C ALA C 224 -10.90 8.24 -19.96
N PHE C 225 -10.72 9.14 -19.01
CA PHE C 225 -11.34 8.98 -17.69
C PHE C 225 -12.83 9.33 -17.75
N LEU C 226 -13.67 8.48 -17.18
CA LEU C 226 -15.10 8.71 -17.08
C LEU C 226 -15.45 9.12 -15.66
N LEU C 227 -16.05 10.31 -15.50
CA LEU C 227 -16.27 10.92 -14.19
C LEU C 227 -17.67 11.52 -14.08
N GLY C 228 -18.45 11.09 -13.08
CA GLY C 228 -19.77 11.61 -12.87
C GLY C 228 -19.82 12.75 -11.85
N ALA C 229 -21.03 13.30 -11.72
CA ALA C 229 -21.37 14.40 -10.84
C ALA C 229 -21.34 13.93 -9.44
N GLU C 230 -21.29 14.86 -8.52
CA GLU C 230 -21.12 14.56 -7.13
C GLU C 230 -22.10 13.61 -6.45
N ASP C 231 -23.39 13.68 -6.70
CA ASP C 231 -24.28 12.77 -6.00
C ASP C 231 -24.73 11.53 -6.75
N LYS C 232 -25.22 11.73 -7.95
CA LYS C 232 -25.69 10.61 -8.73
C LYS C 232 -24.61 9.64 -9.08
N GLY C 233 -23.44 10.17 -9.38
CA GLY C 233 -22.36 9.33 -9.79
C GLY C 233 -22.50 9.01 -11.25
N LEU C 234 -21.72 8.07 -11.67
CA LEU C 234 -21.68 7.63 -13.05
C LEU C 234 -22.91 6.78 -13.36
N PRO C 235 -23.58 7.00 -14.48
CA PRO C 235 -24.69 6.10 -14.84
C PRO C 235 -24.20 4.67 -14.98
N GLU C 236 -25.06 3.73 -14.67
CA GLU C 236 -24.71 2.33 -14.73
C GLU C 236 -24.14 1.86 -16.07
N ALA C 237 -24.74 2.32 -17.15
CA ALA C 237 -24.31 1.93 -18.48
C ALA C 237 -22.85 2.22 -18.74
N TRP C 238 -22.42 3.41 -18.37
CA TRP C 238 -21.05 3.81 -18.58
C TRP C 238 -20.08 3.00 -17.71
N LYS C 239 -20.50 2.68 -16.50
CA LYS C 239 -19.63 1.90 -15.63
C LYS C 239 -19.35 0.53 -16.23
N ARG C 240 -20.38 -0.09 -16.78
CA ARG C 240 -20.27 -1.41 -17.42
C ARG C 240 -19.45 -1.39 -18.71
N ARG C 241 -19.62 -0.31 -19.47
CA ARG C 241 -18.92 -0.11 -20.73
C ARG C 241 -17.40 0.03 -20.60
N ALA C 242 -16.96 0.59 -19.48
CA ALA C 242 -15.54 0.82 -19.26
C ALA C 242 -14.68 -0.44 -19.26
N GLN C 243 -13.46 -0.29 -19.76
CA GLN C 243 -12.48 -1.36 -19.77
C GLN C 243 -12.10 -1.72 -18.33
N VAL C 244 -11.98 -0.70 -17.49
CA VAL C 244 -11.66 -0.89 -16.08
C VAL C 244 -12.37 0.16 -15.22
N ARG C 245 -12.73 -0.21 -14.00
CA ARG C 245 -13.33 0.72 -13.06
C ARG C 245 -12.27 0.88 -11.99
N VAL C 246 -11.90 2.12 -11.70
CA VAL C 246 -10.86 2.38 -10.73
C VAL C 246 -11.34 3.20 -9.55
N ARG C 247 -10.68 3.02 -8.42
CA ARG C 247 -11.02 3.72 -7.20
C ARG C 247 -9.83 4.48 -6.63
N ILE C 248 -10.15 5.56 -5.95
CA ILE C 248 -9.17 6.35 -5.25
C ILE C 248 -9.36 5.83 -3.83
N PRO C 249 -8.28 5.29 -3.24
CA PRO C 249 -8.43 4.66 -1.92
C PRO C 249 -8.83 5.70 -0.87
N MET C 250 -9.72 5.28 0.03
CA MET C 250 -10.20 6.11 1.15
C MET C 250 -10.03 5.30 2.44
N ARG C 251 -8.94 5.57 3.16
CA ARG C 251 -8.55 4.75 4.30
C ARG C 251 -9.06 5.26 5.64
N GLY C 252 -9.76 6.38 5.66
CA GLY C 252 -10.23 6.94 6.91
C GLY C 252 -11.74 6.88 7.06
N ARG C 253 -12.29 7.91 7.67
CA ARG C 253 -13.70 8.00 7.92
C ARG C 253 -14.41 8.41 6.66
N ALA C 254 -13.91 9.43 5.99
CA ALA C 254 -14.53 9.90 4.77
C ALA C 254 -14.63 8.85 3.67
N ASP C 255 -15.68 8.86 2.86
CA ASP C 255 -15.78 7.85 1.79
C ASP C 255 -15.78 8.36 0.34
N SER C 256 -15.60 9.64 0.16
CA SER C 256 -15.46 10.22 -1.17
C SER C 256 -14.69 11.52 -1.08
N LEU C 257 -14.17 11.94 -2.23
CA LEU C 257 -13.59 13.26 -2.41
C LEU C 257 -14.44 14.06 -3.38
N ASN C 258 -14.28 15.38 -3.36
CA ASN C 258 -14.96 16.23 -4.32
C ASN C 258 -14.56 15.85 -5.76
N VAL C 259 -15.49 16.08 -6.69
CA VAL C 259 -15.32 15.67 -8.09
C VAL C 259 -14.11 16.35 -8.71
N ALA C 260 -13.85 17.62 -8.37
CA ALA C 260 -12.72 18.30 -8.96
C ALA C 260 -11.40 17.74 -8.46
N VAL C 261 -11.34 17.37 -7.18
CA VAL C 261 -10.13 16.75 -6.63
C VAL C 261 -9.91 15.39 -7.26
N THR C 262 -10.96 14.61 -7.36
CA THR C 262 -10.88 13.31 -8.02
C THR C 262 -10.34 13.45 -9.45
N ALA C 263 -10.86 14.41 -10.22
CA ALA C 263 -10.36 14.64 -11.58
C ALA C 263 -8.87 14.96 -11.58
N ALA C 264 -8.44 15.82 -10.65
CA ALA C 264 -7.02 16.17 -10.59
C ALA C 264 -6.16 14.95 -10.29
N LEU C 265 -6.61 14.11 -9.35
CA LEU C 265 -5.82 12.93 -9.00
C LEU C 265 -5.63 12.01 -10.20
N LEU C 266 -6.70 11.77 -10.97
CA LEU C 266 -6.63 10.89 -12.11
C LEU C 266 -5.74 11.47 -13.21
N LEU C 267 -5.95 12.74 -13.56
CA LEU C 267 -5.17 13.39 -14.61
C LEU C 267 -3.67 13.40 -14.30
N TYR C 268 -3.31 13.74 -13.06
CA TYR C 268 -1.90 13.79 -12.71
C TYR C 268 -1.28 12.41 -12.63
N GLU C 269 -2.08 11.38 -12.33
CA GLU C 269 -1.54 10.03 -12.41
C GLU C 269 -1.26 9.66 -13.87
N ALA C 270 -2.14 10.02 -14.79
CA ALA C 270 -1.83 9.76 -16.20
C ALA C 270 -0.62 10.59 -16.64
N LEU C 271 -0.49 11.79 -16.08
CA LEU C 271 0.67 12.60 -16.43
C LEU C 271 1.91 11.92 -15.88
N ARG C 272 1.84 11.37 -14.67
CA ARG C 272 2.99 10.68 -14.10
C ARG C 272 3.44 9.54 -15.02
N GLN C 273 2.49 8.79 -15.57
CA GLN C 273 2.84 7.69 -16.46
C GLN C 273 3.38 8.20 -17.79
N ARG C 274 2.86 9.32 -18.28
CA ARG C 274 3.45 9.92 -19.48
C ARG C 274 4.83 10.45 -19.20
N SER C 275 5.13 10.82 -17.95
CA SER C 275 6.44 11.36 -17.65
C SER C 275 7.47 10.30 -17.29
N GLY C 276 7.18 9.03 -17.54
CA GLY C 276 8.09 7.93 -17.28
C GLY C 276 7.67 6.97 -16.19
N GLY C 277 6.57 7.22 -15.48
CA GLY C 277 6.19 6.36 -14.39
C GLY C 277 5.52 5.09 -14.86
N ALA C 278 5.64 4.05 -14.04
CA ALA C 278 5.01 2.79 -14.34
C ALA C 278 3.71 2.65 -13.58
N PRO C 279 2.72 1.96 -14.12
CA PRO C 279 1.57 1.59 -13.31
C PRO C 279 2.04 0.83 -12.06
N LEU C 280 1.38 1.10 -10.92
CA LEU C 280 1.66 0.38 -9.67
C LEU C 280 1.40 -1.12 -9.89
N HIS D 20 -40.66 17.38 26.49
CA HIS D 20 -40.23 18.07 25.27
C HIS D 20 -39.96 19.55 25.54
N MET D 21 -38.73 20.02 25.29
CA MET D 21 -38.41 21.44 25.35
C MET D 21 -38.44 22.01 23.93
N ARG D 22 -39.39 22.89 23.67
CA ARG D 22 -39.68 23.33 22.30
C ARG D 22 -39.33 24.80 22.13
N ILE D 23 -38.65 25.12 21.04
CA ILE D 23 -38.35 26.49 20.66
C ILE D 23 -38.96 26.73 19.29
N GLU D 24 -39.91 27.66 19.21
CA GLU D 24 -40.65 27.92 17.98
C GLU D 24 -40.19 29.16 17.22
N SER D 25 -39.86 30.25 17.94
CA SER D 25 -39.67 31.55 17.27
C SER D 25 -38.19 31.83 17.00
N PRO D 26 -37.83 32.25 15.78
CA PRO D 26 -36.46 32.73 15.55
C PRO D 26 -36.13 33.95 16.39
N GLN D 27 -37.11 34.54 17.03
CA GLN D 27 -36.88 35.67 17.91
C GLN D 27 -36.49 35.22 19.31
N ASN D 28 -36.66 33.95 19.61
CA ASN D 28 -36.30 33.42 20.91
C ASN D 28 -34.81 33.66 21.17
N PRO D 29 -34.45 34.24 22.32
CA PRO D 29 -33.03 34.54 22.58
C PRO D 29 -32.12 33.33 22.47
N ARG D 30 -32.62 32.12 22.76
CA ARG D 30 -31.80 30.92 22.58
C ARG D 30 -31.45 30.70 21.11
N VAL D 31 -32.39 30.98 20.19
CA VAL D 31 -32.10 30.82 18.77
C VAL D 31 -31.06 31.84 18.33
N LYS D 32 -31.14 33.04 18.84
CA LYS D 32 -30.15 34.01 18.50
C LYS D 32 -28.79 33.55 18.97
N ALA D 33 -28.67 33.12 20.21
CA ALA D 33 -27.37 32.70 20.72
C ALA D 33 -26.82 31.51 19.95
N LEU D 34 -27.69 30.56 19.59
CA LEU D 34 -27.22 29.42 18.83
C LEU D 34 -26.71 29.85 17.47
N ALA D 35 -27.40 30.79 16.82
CA ALA D 35 -26.94 31.27 15.51
C ALA D 35 -25.62 32.02 15.60
N ALA D 36 -25.38 32.74 16.70
CA ALA D 36 -24.13 33.46 16.89
C ALA D 36 -22.93 32.54 17.00
N LEU D 37 -23.13 31.23 17.27
CA LEU D 37 -21.99 30.33 17.32
C LEU D 37 -21.31 30.16 15.97
N LYS D 38 -21.92 30.66 14.89
CA LYS D 38 -21.25 30.72 13.59
C LYS D 38 -19.96 31.55 13.64
N GLU D 39 -19.93 32.56 14.52
CA GLU D 39 -18.78 33.46 14.64
C GLU D 39 -17.71 32.88 15.56
N ARG D 40 -16.44 33.10 15.19
CA ARG D 40 -15.35 32.52 15.96
C ARG D 40 -15.26 33.10 17.37
N LYS D 41 -15.50 34.39 17.53
CA LYS D 41 -15.41 34.99 18.85
C LYS D 41 -16.41 34.40 19.82
N GLU D 42 -17.57 34.08 19.31
CA GLU D 42 -18.61 33.47 20.10
C GLU D 42 -18.21 32.08 20.56
N ARG D 43 -17.63 31.29 19.68
CA ARG D 43 -17.18 29.98 20.10
C ARG D 43 -16.11 30.09 21.18
N GLU D 44 -15.20 31.01 21.03
CA GLU D 44 -14.16 31.22 22.02
C GLU D 44 -14.67 31.70 23.35
N ARG D 45 -15.63 32.61 23.35
CA ARG D 45 -16.18 33.11 24.57
C ARG D 45 -16.89 32.05 25.36
N THR D 46 -17.70 31.29 24.67
CA THR D 46 -18.51 30.27 25.30
C THR D 46 -17.84 28.97 25.55
N GLY D 47 -16.83 28.66 24.78
CA GLY D 47 -16.18 27.38 24.88
C GLY D 47 -16.99 26.29 24.23
N ARG D 48 -17.87 26.64 23.30
CA ARG D 48 -18.78 25.71 22.63
C ARG D 48 -18.77 25.96 21.13
N PHE D 49 -19.27 24.98 20.38
CA PHE D 49 -19.41 25.16 18.94
C PHE D 49 -20.51 24.24 18.42
N LEU D 50 -21.11 24.64 17.29
CA LEU D 50 -22.25 23.95 16.72
C LEU D 50 -21.78 22.94 15.68
N VAL D 51 -22.28 21.71 15.78
CA VAL D 51 -22.00 20.66 14.81
C VAL D 51 -23.31 20.36 14.09
N GLU D 52 -23.34 20.63 12.78
CA GLU D 52 -24.57 20.49 12.00
C GLU D 52 -24.50 19.21 11.17
N GLY D 53 -25.51 18.38 11.28
CA GLY D 53 -25.56 17.13 10.54
C GLY D 53 -25.55 15.90 11.41
N ARG D 54 -26.45 14.97 11.12
CA ARG D 54 -26.52 13.78 11.92
C ARG D 54 -25.23 12.99 11.89
N ARG D 55 -24.65 12.84 10.71
CA ARG D 55 -23.41 12.11 10.57
C ARG D 55 -22.28 12.81 11.31
N GLU D 56 -22.25 14.13 11.20
CA GLU D 56 -21.25 14.95 11.85
C GLU D 56 -21.39 14.85 13.38
N VAL D 57 -22.61 14.89 13.88
CA VAL D 57 -22.86 14.80 15.31
C VAL D 57 -22.38 13.46 15.83
N GLU D 58 -22.67 12.42 15.08
CA GLU D 58 -22.24 11.09 15.46
C GLU D 58 -20.72 10.98 15.45
N ARG D 59 -20.06 11.62 14.49
CA ARG D 59 -18.61 11.58 14.41
C ARG D 59 -17.97 12.26 15.60
N ALA D 60 -18.45 13.44 15.95
CA ALA D 60 -17.97 14.09 17.17
C ALA D 60 -18.19 13.21 18.41
N LEU D 61 -19.35 12.53 18.49
CA LEU D 61 -19.59 11.66 19.65
C LEU D 61 -18.63 10.46 19.67
N GLU D 62 -18.43 9.81 18.53
CA GLU D 62 -17.47 8.70 18.47
C GLU D 62 -16.08 9.14 18.86
N ALA D 63 -15.71 10.37 18.53
CA ALA D 63 -14.41 10.90 18.86
C ALA D 63 -14.32 11.36 20.31
N GLY D 64 -15.35 11.14 21.11
CA GLY D 64 -15.30 11.44 22.52
C GLY D 64 -15.56 12.88 22.90
N LEU D 65 -16.11 13.69 22.01
CA LEU D 65 -16.42 15.06 22.36
C LEU D 65 -17.67 15.13 23.26
N SER D 66 -17.76 16.19 24.01
CA SER D 66 -18.76 16.35 25.06
C SER D 66 -19.96 17.12 24.52
N LEU D 67 -21.11 16.45 24.43
CA LEU D 67 -22.32 17.04 23.87
C LEU D 67 -23.11 17.72 24.99
N GLU D 68 -23.34 19.03 24.85
CA GLU D 68 -24.11 19.83 25.79
C GLU D 68 -25.58 19.93 25.45
N THR D 69 -25.91 20.11 24.17
CA THR D 69 -27.29 20.39 23.73
C THR D 69 -27.50 19.72 22.38
N LEU D 70 -28.51 18.87 22.27
CA LEU D 70 -28.94 18.31 21.00
C LEU D 70 -30.13 19.10 20.47
N LEU D 71 -30.06 19.46 19.18
CA LEU D 71 -31.11 20.19 18.49
C LEU D 71 -31.75 19.25 17.47
N LEU D 72 -33.08 19.16 17.51
CA LEU D 72 -33.82 18.27 16.63
C LEU D 72 -34.83 19.09 15.84
N GLY D 73 -34.78 18.97 14.51
CA GLY D 73 -35.75 19.63 13.65
C GLY D 73 -37.05 18.87 13.56
N PRO D 74 -38.00 19.45 12.82
CA PRO D 74 -39.32 18.81 12.72
C PRO D 74 -39.30 17.49 11.99
N LYS D 75 -38.30 17.23 11.16
CA LYS D 75 -38.19 15.96 10.44
C LYS D 75 -37.09 15.06 10.99
N ALA D 76 -36.70 15.23 12.25
CA ALA D 76 -35.76 14.29 12.85
C ALA D 76 -36.42 12.93 13.05
N ARG D 77 -35.62 11.88 13.08
CA ARG D 77 -36.13 10.53 13.31
C ARG D 77 -36.31 10.30 14.78
N PRO D 78 -37.19 9.37 15.16
CA PRO D 78 -37.34 9.04 16.59
C PRO D 78 -36.03 8.70 17.28
N GLU D 79 -35.19 7.91 16.61
CA GLU D 79 -33.95 7.46 17.22
C GLU D 79 -32.88 8.55 17.28
N ASP D 80 -33.11 9.70 16.65
CA ASP D 80 -32.17 10.83 16.79
C ASP D 80 -32.09 11.29 18.24
N ARG D 81 -33.17 11.11 18.99
CA ARG D 81 -33.20 11.44 20.41
C ARG D 81 -32.28 10.56 21.22
N ALA D 82 -32.00 9.33 20.74
CA ALA D 82 -31.12 8.41 21.47
C ALA D 82 -29.67 8.85 21.43
N LEU D 83 -29.37 9.95 20.75
CA LEU D 83 -28.03 10.53 20.73
C LEU D 83 -27.79 11.51 21.86
N ALA D 84 -28.81 11.86 22.65
CA ALA D 84 -28.68 12.96 23.59
C ALA D 84 -27.73 12.65 24.74
N GLY D 85 -27.71 11.41 25.22
CA GLY D 85 -26.78 11.02 26.28
C GLY D 85 -26.73 11.93 27.49
N GLY D 86 -27.89 12.41 27.95
CA GLY D 86 -27.91 13.31 29.08
C GLY D 86 -27.83 14.79 28.71
N ALA D 87 -27.70 15.11 27.42
CA ALA D 87 -27.64 16.50 27.01
C ALA D 87 -29.04 17.11 27.09
N GLU D 88 -29.08 18.43 27.13
CA GLU D 88 -30.33 19.15 26.92
C GLU D 88 -30.84 18.90 25.50
N VAL D 89 -32.11 18.56 25.35
CA VAL D 89 -32.69 18.33 24.03
C VAL D 89 -33.67 19.46 23.72
N LEU D 90 -33.44 20.15 22.60
CA LEU D 90 -34.33 21.21 22.12
C LEU D 90 -34.93 20.82 20.79
N GLU D 91 -36.26 20.84 20.70
CA GLU D 91 -36.95 20.63 19.43
C GLU D 91 -37.30 21.98 18.80
N LEU D 92 -36.79 22.20 17.59
CA LEU D 92 -36.86 23.48 16.91
C LEU D 92 -37.93 23.38 15.82
N SER D 93 -38.72 24.44 15.70
CA SER D 93 -39.59 24.59 14.54
C SER D 93 -38.74 24.68 13.28
N GLU D 94 -39.39 24.52 12.13
CA GLU D 94 -38.66 24.67 10.87
C GLU D 94 -38.09 26.08 10.74
N ARG D 95 -38.86 27.11 11.10
CA ARG D 95 -38.34 28.46 10.93
C ARG D 95 -37.27 28.80 11.96
N ALA D 96 -37.34 28.21 13.16
CA ALA D 96 -36.24 28.39 14.11
C ALA D 96 -35.00 27.66 13.61
N LEU D 97 -35.19 26.43 13.10
CA LEU D 97 -34.07 25.69 12.53
C LEU D 97 -33.39 26.47 11.41
N ALA D 98 -34.18 27.13 10.55
CA ALA D 98 -33.61 27.88 9.44
C ALA D 98 -32.72 29.02 9.94
N ARG D 99 -33.02 29.56 11.11
CA ARG D 99 -32.21 30.63 11.65
C ARG D 99 -30.87 30.13 12.23
N VAL D 100 -30.86 28.93 12.83
CA VAL D 100 -29.64 28.42 13.44
C VAL D 100 -28.69 27.79 12.42
N SER D 101 -29.23 27.26 11.32
CA SER D 101 -28.45 26.46 10.39
C SER D 101 -27.56 27.30 9.49
N ALA D 102 -26.45 26.69 9.06
CA ALA D 102 -25.51 27.29 8.13
C ALA D 102 -25.79 26.89 6.69
N ARG D 103 -26.97 26.36 6.39
CA ARG D 103 -27.25 25.78 5.08
C ARG D 103 -28.54 26.32 4.48
N GLU D 104 -28.63 26.20 3.14
CA GLU D 104 -29.89 26.47 2.45
C GLU D 104 -30.92 25.38 2.75
N ASN D 105 -30.47 24.13 2.86
CA ASN D 105 -31.29 23.05 3.38
C ASN D 105 -30.73 22.64 4.75
N PRO D 106 -31.37 23.03 5.85
CA PRO D 106 -30.80 22.74 7.17
C PRO D 106 -30.86 21.25 7.52
N ALA D 107 -29.83 20.77 8.21
CA ALA D 107 -29.89 19.43 8.78
C ALA D 107 -30.98 19.33 9.86
N GLN D 108 -31.42 18.12 10.14
CA GLN D 108 -32.45 17.92 11.15
C GLN D 108 -31.88 17.54 12.51
N VAL D 109 -30.58 17.26 12.60
CA VAL D 109 -29.88 16.95 13.84
C VAL D 109 -28.67 17.87 13.93
N LEU D 110 -28.55 18.58 15.04
CA LEU D 110 -27.41 19.45 15.29
C LEU D 110 -27.04 19.29 16.76
N GLY D 111 -25.78 19.55 17.06
CA GLY D 111 -25.33 19.41 18.44
C GLY D 111 -24.41 20.54 18.86
N VAL D 112 -24.61 21.06 20.06
CA VAL D 112 -23.66 22.00 20.66
C VAL D 112 -22.68 21.21 21.52
N PHE D 113 -21.38 21.28 21.19
CA PHE D 113 -20.36 20.51 21.88
C PHE D 113 -19.39 21.45 22.57
N ARG D 114 -18.71 20.93 23.60
CA ARG D 114 -17.59 21.65 24.20
C ARG D 114 -16.40 21.66 23.24
N LEU D 115 -15.81 22.83 23.02
CA LEU D 115 -14.55 22.93 22.29
C LEU D 115 -13.52 21.96 22.87
N PRO D 116 -12.89 21.14 22.05
CA PRO D 116 -11.80 20.30 22.56
C PRO D 116 -10.50 21.09 22.61
N ARG D 117 -9.59 20.58 23.43
CA ARG D 117 -8.25 21.12 23.51
C ARG D 117 -7.41 19.89 23.20
N ARG D 118 -6.63 19.93 22.12
CA ARG D 118 -5.79 18.82 21.82
C ARG D 118 -4.33 19.23 21.99
N SER D 119 -3.59 18.42 22.72
CA SER D 119 -2.21 18.75 22.97
C SER D 119 -1.38 17.90 22.08
N LEU D 120 -0.41 18.53 21.49
CA LEU D 120 0.58 17.87 20.64
C LEU D 120 1.44 16.89 21.42
N ALA D 121 1.49 17.00 22.76
CA ALA D 121 2.34 16.12 23.56
C ALA D 121 1.89 14.66 23.47
N GLY D 122 0.60 14.43 23.60
CA GLY D 122 0.07 13.08 23.58
C GLY D 122 0.15 12.41 22.23
N VAL D 123 0.93 13.00 21.35
CA VAL D 123 1.07 12.48 20.01
C VAL D 123 2.29 11.60 19.82
N THR D 124 2.02 10.35 19.45
CA THR D 124 3.04 9.38 19.20
C THR D 124 2.97 9.00 17.73
N LEU D 125 4.11 9.04 17.07
CA LEU D 125 4.17 8.73 15.67
C LEU D 125 4.99 7.47 15.49
N GLY D 126 4.72 6.76 14.42
CA GLY D 126 5.42 5.55 14.09
C GLY D 126 6.75 5.77 13.38
N ALA D 127 7.25 4.70 12.78
CA ALA D 127 8.57 4.75 12.13
C ALA D 127 8.56 5.42 10.76
N ALA D 128 7.40 5.56 10.13
CA ALA D 128 7.35 6.19 8.83
C ALA D 128 6.07 7.00 8.68
N PRO D 129 5.92 8.04 9.48
CA PRO D 129 4.69 8.82 9.40
C PRO D 129 4.59 9.73 8.19
N LEU D 130 3.34 10.01 7.80
CA LEU D 130 3.01 10.91 6.72
C LEU D 130 2.41 12.13 7.41
N VAL D 131 3.08 13.25 7.27
CA VAL D 131 2.74 14.46 8.01
C VAL D 131 2.50 15.59 7.02
N LEU D 132 1.54 16.45 7.35
CA LEU D 132 1.22 17.59 6.50
C LEU D 132 1.28 18.85 7.34
N VAL D 133 2.06 19.82 6.87
CA VAL D 133 2.27 21.07 7.59
C VAL D 133 1.66 22.16 6.73
N LEU D 134 0.59 22.77 7.22
CA LEU D 134 -0.12 23.81 6.48
C LEU D 134 0.24 25.17 7.04
N LEU D 135 1.04 25.93 6.29
CA LEU D 135 1.53 27.23 6.72
C LEU D 135 0.71 28.34 6.08
N GLY D 136 0.21 29.24 6.92
CA GLY D 136 -0.51 30.39 6.43
C GLY D 136 -2.01 30.25 6.57
N LEU D 137 -2.71 31.23 5.99
CA LEU D 137 -4.12 31.38 6.24
C LEU D 137 -4.90 30.96 5.00
N GLU D 138 -6.10 30.41 5.23
CA GLU D 138 -6.89 29.86 4.15
C GLU D 138 -8.33 30.35 4.15
N LYS D 139 -9.16 29.56 3.51
CA LYS D 139 -10.61 29.67 3.49
C LYS D 139 -11.01 28.34 4.14
N PRO D 140 -11.90 28.37 5.13
CA PRO D 140 -12.31 27.11 5.81
C PRO D 140 -12.79 26.00 4.87
N GLY D 141 -13.25 26.35 3.67
CA GLY D 141 -13.64 25.30 2.74
C GLY D 141 -12.44 24.59 2.16
N ASN D 142 -11.36 25.36 1.90
CA ASN D 142 -10.06 24.79 1.54
C ASN D 142 -9.49 23.93 2.66
N LEU D 143 -9.51 24.42 3.90
CA LEU D 143 -8.99 23.59 4.98
C LEU D 143 -9.82 22.33 5.13
N GLY D 144 -11.15 22.46 5.04
CA GLY D 144 -12.00 21.29 5.12
C GLY D 144 -11.68 20.24 4.07
N ALA D 145 -11.55 20.68 2.82
CA ALA D 145 -11.21 19.73 1.76
C ALA D 145 -9.82 19.13 1.95
N ILE D 146 -8.86 19.89 2.50
CA ILE D 146 -7.54 19.31 2.77
C ILE D 146 -7.66 18.16 3.77
N LEU D 147 -8.49 18.35 4.83
CA LEU D 147 -8.65 17.34 5.86
C LEU D 147 -9.38 16.11 5.34
N ARG D 148 -10.32 16.29 4.41
CA ARG D 148 -10.93 15.17 3.71
C ARG D 148 -9.86 14.34 2.98
N ALA D 149 -8.96 15.02 2.28
CA ALA D 149 -7.89 14.31 1.56
C ALA D 149 -6.89 13.68 2.49
N ALA D 150 -6.53 14.37 3.60
CA ALA D 150 -5.60 13.78 4.57
C ALA D 150 -6.20 12.53 5.21
N ASP D 151 -7.51 12.57 5.49
CA ASP D 151 -8.19 11.41 6.01
C ASP D 151 -8.26 10.29 4.97
N GLY D 152 -8.56 10.63 3.71
CA GLY D 152 -8.55 9.61 2.65
C GLY D 152 -7.21 8.94 2.45
N ALA D 153 -6.14 9.73 2.42
CA ALA D 153 -4.80 9.20 2.17
C ALA D 153 -4.16 8.61 3.42
N GLY D 154 -4.79 8.74 4.59
CA GLY D 154 -4.26 8.19 5.83
C GLY D 154 -3.10 8.96 6.43
N ALA D 155 -3.15 10.28 6.40
CA ALA D 155 -2.08 11.06 7.02
C ALA D 155 -2.01 10.77 8.51
N ASP D 156 -0.81 10.80 9.04
CA ASP D 156 -0.64 10.50 10.44
C ASP D 156 -0.75 11.71 11.33
N LEU D 157 -0.59 12.88 10.75
CA LEU D 157 -0.58 14.11 11.52
C LEU D 157 -0.73 15.28 10.55
N VAL D 158 -1.58 16.24 10.92
CA VAL D 158 -1.72 17.49 10.17
C VAL D 158 -1.48 18.63 11.14
N LEU D 159 -0.57 19.54 10.78
CA LEU D 159 -0.32 20.76 11.54
C LEU D 159 -0.75 21.98 10.74
N VAL D 160 -1.48 22.90 11.38
CA VAL D 160 -1.98 24.10 10.72
C VAL D 160 -1.40 25.38 11.38
N ALA D 161 -1.59 26.50 10.69
CA ALA D 161 -1.05 27.79 11.14
C ALA D 161 -1.71 28.24 12.44
N GLU D 162 -1.08 29.24 13.01
CA GLU D 162 -1.40 29.81 14.29
C GLU D 162 -2.84 29.94 14.71
N GLY D 163 -3.52 30.83 14.02
CA GLY D 163 -4.89 31.19 14.30
C GLY D 163 -5.87 30.64 13.31
N VAL D 164 -5.60 29.44 12.79
CA VAL D 164 -6.52 28.79 11.86
C VAL D 164 -7.57 28.04 12.67
N ASP D 165 -8.85 28.16 12.26
CA ASP D 165 -9.96 27.67 13.08
C ASP D 165 -10.42 26.30 12.61
N LEU D 166 -10.19 25.28 13.43
CA LEU D 166 -10.55 23.91 13.10
C LEU D 166 -12.03 23.61 13.19
N PHE D 167 -12.82 24.40 13.93
CA PHE D 167 -14.20 24.02 14.24
C PHE D 167 -15.24 25.05 13.81
N SER D 168 -15.00 25.76 12.71
CA SER D 168 -16.05 26.54 12.11
C SER D 168 -17.04 25.61 11.40
N PRO D 169 -18.26 26.09 11.11
CA PRO D 169 -19.22 25.25 10.35
C PRO D 169 -18.67 24.79 9.02
N GLN D 170 -17.89 25.64 8.35
CA GLN D 170 -17.38 25.36 7.02
C GLN D 170 -16.35 24.22 7.05
N VAL D 171 -15.41 24.26 8.00
CA VAL D 171 -14.42 23.19 8.09
C VAL D 171 -15.09 21.86 8.41
N ILE D 172 -16.07 21.87 9.31
CA ILE D 172 -16.76 20.65 9.69
C ILE D 172 -17.56 20.10 8.52
N ARG D 173 -18.25 20.98 7.79
CA ARG D 173 -19.06 20.53 6.65
C ARG D 173 -18.17 20.00 5.53
N ASN D 174 -17.18 20.79 5.12
CA ASN D 174 -16.35 20.37 3.99
C ASN D 174 -15.43 19.19 4.32
N SER D 175 -15.09 18.97 5.60
CA SER D 175 -14.37 17.77 5.96
C SER D 175 -15.28 16.57 6.20
N THR D 176 -16.59 16.79 6.18
CA THR D 176 -17.53 15.72 6.44
C THR D 176 -17.30 15.14 7.83
N GLY D 177 -16.94 15.98 8.77
CA GLY D 177 -16.68 15.54 10.12
C GLY D 177 -15.33 14.88 10.33
N ALA D 178 -14.52 14.74 9.28
CA ALA D 178 -13.20 14.14 9.44
C ALA D 178 -12.32 14.92 10.41
N VAL D 179 -12.60 16.20 10.61
CA VAL D 179 -11.84 16.99 11.58
C VAL D 179 -11.93 16.43 12.99
N PHE D 180 -12.92 15.58 13.28
CA PHE D 180 -13.10 15.06 14.65
C PHE D 180 -12.19 13.86 14.93
N ALA D 181 -12.05 12.95 13.98
CA ALA D 181 -11.21 11.77 14.17
C ALA D 181 -9.78 11.96 13.65
N LEU D 182 -9.43 13.14 13.09
CA LEU D 182 -8.13 13.33 12.46
C LEU D 182 -7.15 13.99 13.44
N PRO D 183 -5.92 13.51 13.52
CA PRO D 183 -4.93 14.21 14.35
C PRO D 183 -4.46 15.49 13.68
N VAL D 184 -5.26 16.55 13.75
CA VAL D 184 -4.91 17.87 13.24
C VAL D 184 -4.82 18.81 14.44
N TYR D 185 -3.75 19.60 14.48
CA TYR D 185 -3.49 20.44 15.65
C TYR D 185 -3.14 21.85 15.21
N PRO D 186 -3.79 22.88 15.76
CA PRO D 186 -3.32 24.25 15.55
C PRO D 186 -2.09 24.52 16.39
N VAL D 187 -1.07 25.05 15.76
CA VAL D 187 0.20 25.33 16.40
C VAL D 187 0.81 26.57 15.77
N ALA D 188 1.97 26.96 16.25
CA ALA D 188 2.64 28.14 15.76
C ALA D 188 3.80 27.73 14.90
N GLU D 189 4.30 28.64 14.07
CA GLU D 189 5.38 28.29 13.18
C GLU D 189 6.59 27.81 13.91
N GLU D 190 7.00 28.47 14.98
CA GLU D 190 8.15 27.99 15.68
C GLU D 190 7.91 26.65 16.29
N GLU D 191 6.73 26.47 16.87
CA GLU D 191 6.41 25.19 17.48
C GLU D 191 6.36 24.09 16.44
N ALA D 192 5.78 24.42 15.29
CA ALA D 192 5.70 23.51 14.18
C ALA D 192 7.09 23.11 13.85
N ALA D 193 7.93 24.10 13.63
CA ALA D 193 9.33 23.85 13.28
C ALA D 193 10.01 23.00 14.36
N ARG D 194 9.80 23.36 15.63
CA ARG D 194 10.44 22.63 16.71
C ARG D 194 9.89 21.22 16.81
N PHE D 195 8.57 21.05 16.75
CA PHE D 195 7.98 19.71 16.80
C PHE D 195 8.60 18.80 15.75
N LEU D 196 8.70 19.30 14.52
CA LEU D 196 9.26 18.49 13.44
C LEU D 196 10.72 18.18 13.66
N GLU D 197 11.48 19.15 14.16
CA GLU D 197 12.89 18.93 14.45
C GLU D 197 13.06 17.88 15.56
N GLU D 198 12.28 17.99 16.63
CA GLU D 198 12.34 16.99 17.68
C GLU D 198 11.93 15.64 17.14
N GLN D 199 10.99 15.62 16.21
CA GLN D 199 10.56 14.38 15.56
C GLN D 199 11.56 13.85 14.54
N ASN D 200 12.54 14.64 14.13
CA ASN D 200 13.58 14.19 13.21
C ASN D 200 12.99 13.68 11.88
N LEU D 201 12.12 14.51 11.28
CA LEU D 201 11.43 14.20 10.03
C LEU D 201 11.95 15.04 8.88
N PRO D 202 12.21 14.45 7.71
CA PRO D 202 12.59 15.25 6.52
C PRO D 202 11.46 16.16 6.04
N LEU D 203 11.78 17.42 5.78
CA LEU D 203 10.81 18.38 5.29
C LEU D 203 10.85 18.46 3.77
N VAL D 204 9.69 18.28 3.13
CA VAL D 204 9.55 18.38 1.68
C VAL D 204 8.69 19.60 1.38
N ALA D 205 9.30 20.64 0.78
CA ALA D 205 8.62 21.90 0.50
C ALA D 205 7.96 21.84 -0.87
N ALA D 206 6.66 22.15 -0.91
CA ALA D 206 5.92 22.24 -2.16
C ALA D 206 5.89 23.69 -2.63
N THR D 207 6.63 24.00 -3.68
CA THR D 207 6.83 25.36 -4.14
C THR D 207 6.76 25.32 -5.65
N PRO D 208 6.14 26.32 -6.29
CA PRO D 208 6.13 26.35 -7.76
C PRO D 208 7.52 26.38 -8.33
N GLU D 209 8.51 26.74 -7.52
CA GLU D 209 9.91 26.82 -7.95
C GLU D 209 10.74 25.59 -7.57
N GLY D 210 10.10 24.52 -7.10
CA GLY D 210 10.85 23.35 -6.68
C GLY D 210 11.70 22.79 -7.80
N GLU D 211 12.90 22.29 -7.45
CA GLU D 211 13.86 21.78 -8.43
C GLU D 211 13.51 20.40 -8.97
N ARG D 212 12.65 19.65 -8.28
CA ARG D 212 12.30 18.30 -8.73
C ARG D 212 10.77 18.18 -8.79
N LEU D 213 10.30 17.33 -9.69
CA LEU D 213 8.89 16.97 -9.70
C LEU D 213 8.52 16.25 -8.40
N TYR D 214 7.29 16.46 -7.93
CA TYR D 214 6.91 15.84 -6.66
C TYR D 214 6.93 14.32 -6.75
N TRP D 215 6.79 13.74 -7.96
CA TRP D 215 6.91 12.29 -8.10
C TRP D 215 8.32 11.77 -7.85
N GLU D 216 9.33 12.65 -7.88
CA GLU D 216 10.71 12.23 -7.72
C GLU D 216 11.16 12.23 -6.26
N GLY D 217 10.41 12.84 -5.36
CA GLY D 217 10.75 12.73 -3.96
C GLY D 217 10.53 11.32 -3.47
N ASP D 218 11.26 10.94 -2.44
CA ASP D 218 11.12 9.59 -1.89
C ASP D 218 10.38 9.71 -0.56
N TYR D 219 9.13 9.27 -0.55
CA TYR D 219 8.28 9.40 0.61
C TYR D 219 7.99 8.09 1.32
N ARG D 220 8.71 7.05 0.97
CA ARG D 220 8.55 5.75 1.56
C ARG D 220 8.89 5.67 3.06
N GLY D 221 9.89 6.42 3.47
CA GLY D 221 10.34 6.42 4.84
C GLY D 221 9.83 7.39 5.87
N GLY D 222 8.89 8.24 5.52
CA GLY D 222 8.43 9.21 6.50
C GLY D 222 8.76 10.57 5.97
N VAL D 223 7.81 11.49 6.07
CA VAL D 223 7.98 12.77 5.46
C VAL D 223 6.95 13.76 5.96
N ALA D 224 7.33 15.02 6.00
CA ALA D 224 6.42 16.12 6.27
C ALA D 224 6.44 17.04 5.06
N PHE D 225 5.30 17.14 4.38
CA PHE D 225 5.12 18.10 3.30
C PHE D 225 4.88 19.48 3.89
N LEU D 226 5.53 20.49 3.33
CA LEU D 226 5.33 21.88 3.74
C LEU D 226 4.53 22.56 2.65
N LEU D 227 3.35 23.04 3.00
CA LEU D 227 2.45 23.66 2.04
C LEU D 227 1.98 25.01 2.57
N GLY D 228 2.26 26.08 1.82
CA GLY D 228 1.71 27.38 2.10
C GLY D 228 0.48 27.66 1.23
N ALA D 229 -0.13 28.82 1.48
CA ALA D 229 -1.30 29.32 0.74
C ALA D 229 -0.97 29.56 -0.73
N GLU D 230 -2.00 29.44 -1.59
CA GLU D 230 -1.79 29.59 -3.03
C GLU D 230 -1.27 30.98 -3.38
N ASP D 231 -1.77 32.02 -2.71
CA ASP D 231 -1.30 33.38 -2.89
C ASP D 231 0.10 33.60 -2.29
N LYS D 232 0.16 33.57 -0.97
CA LYS D 232 1.35 33.98 -0.24
C LYS D 232 2.66 33.27 -0.50
N GLY D 233 2.61 31.97 -0.63
CA GLY D 233 3.83 31.22 -0.87
C GLY D 233 4.39 30.63 0.41
N LEU D 234 5.72 30.53 0.52
CA LEU D 234 6.34 29.85 1.64
C LEU D 234 7.35 30.79 2.32
N PRO D 235 7.33 30.91 3.65
CA PRO D 235 8.32 31.77 4.29
C PRO D 235 9.70 31.22 4.01
N GLU D 236 10.65 32.13 3.72
CA GLU D 236 11.97 31.70 3.27
C GLU D 236 12.72 30.98 4.38
N ALA D 237 12.41 31.27 5.64
CA ALA D 237 12.97 30.51 6.74
C ALA D 237 12.51 29.06 6.67
N TRP D 238 11.28 28.80 6.21
CA TRP D 238 10.83 27.43 6.02
C TRP D 238 11.47 26.79 4.80
N LYS D 239 11.74 27.60 3.78
CA LYS D 239 12.44 27.09 2.61
C LYS D 239 13.87 26.64 2.95
N ARG D 240 14.47 27.25 3.99
CA ARG D 240 15.82 26.87 4.40
C ARG D 240 15.85 25.51 5.09
N ARG D 241 14.80 25.16 5.83
CA ARG D 241 14.74 23.87 6.49
C ARG D 241 14.36 22.73 5.57
N ALA D 242 13.92 23.00 4.35
CA ALA D 242 13.42 21.93 3.49
C ALA D 242 14.56 21.05 3.01
N GLN D 243 14.41 19.74 3.21
CA GLN D 243 15.39 18.79 2.68
C GLN D 243 15.35 18.78 1.17
N VAL D 244 14.17 18.74 0.58
CA VAL D 244 13.98 18.74 -0.86
C VAL D 244 12.86 19.72 -1.21
N ARG D 245 12.93 20.29 -2.40
CA ARG D 245 11.91 21.21 -2.89
C ARG D 245 11.29 20.63 -4.15
N VAL D 246 9.97 20.45 -4.13
CA VAL D 246 9.27 19.78 -5.21
C VAL D 246 8.17 20.68 -5.72
N ARG D 247 7.85 20.52 -7.00
CA ARG D 247 6.77 21.29 -7.61
C ARG D 247 5.78 20.33 -8.26
N ILE D 248 4.54 20.80 -8.37
CA ILE D 248 3.52 20.11 -9.16
C ILE D 248 3.60 20.64 -10.59
N PRO D 249 3.77 19.77 -11.57
CA PRO D 249 3.90 20.28 -12.93
C PRO D 249 2.64 20.95 -13.44
N MET D 250 2.80 22.11 -14.08
CA MET D 250 1.68 22.81 -14.67
C MET D 250 1.94 22.81 -16.17
N ARG D 251 1.11 22.09 -16.90
CA ARG D 251 1.30 21.96 -18.35
C ARG D 251 0.52 22.96 -19.19
N GLY D 252 -0.34 23.75 -18.58
CA GLY D 252 -1.15 24.70 -19.31
C GLY D 252 -0.73 26.13 -19.14
N ARG D 253 -1.70 27.03 -19.21
CA ARG D 253 -1.43 28.46 -19.10
C ARG D 253 -1.17 28.86 -17.65
N ALA D 254 -1.99 28.37 -16.72
CA ALA D 254 -1.91 28.73 -15.31
C ALA D 254 -0.61 28.27 -14.67
N ASP D 255 -0.27 28.89 -13.54
CA ASP D 255 0.95 28.51 -12.85
C ASP D 255 0.71 28.13 -11.40
N SER D 256 -0.56 28.00 -10.97
CA SER D 256 -0.87 27.49 -9.64
C SER D 256 -2.22 26.80 -9.65
N LEU D 257 -2.40 25.88 -8.71
CA LEU D 257 -3.68 25.22 -8.44
C LEU D 257 -4.18 25.62 -7.06
N ASN D 258 -5.46 25.37 -6.80
CA ASN D 258 -6.01 25.51 -5.46
C ASN D 258 -5.17 24.73 -4.45
N VAL D 259 -5.02 25.29 -3.24
CA VAL D 259 -4.09 24.68 -2.28
C VAL D 259 -4.57 23.32 -1.83
N ALA D 260 -5.88 23.11 -1.72
CA ALA D 260 -6.40 21.81 -1.33
C ALA D 260 -6.17 20.76 -2.41
N VAL D 261 -6.14 21.18 -3.67
CA VAL D 261 -5.80 20.28 -4.78
C VAL D 261 -4.33 19.85 -4.69
N THR D 262 -3.43 20.82 -4.47
CA THR D 262 -2.03 20.47 -4.29
C THR D 262 -1.84 19.50 -3.13
N ALA D 263 -2.54 19.73 -2.01
CA ALA D 263 -2.41 18.84 -0.86
C ALA D 263 -2.85 17.42 -1.19
N ALA D 264 -4.00 17.26 -1.85
CA ALA D 264 -4.43 15.92 -2.23
C ALA D 264 -3.42 15.24 -3.14
N LEU D 265 -2.84 15.99 -4.08
CA LEU D 265 -1.86 15.42 -5.00
C LEU D 265 -0.62 14.97 -4.23
N LEU D 266 -0.17 15.74 -3.25
CA LEU D 266 1.02 15.33 -2.51
C LEU D 266 0.74 14.08 -1.66
N LEU D 267 -0.37 14.10 -0.92
CA LEU D 267 -0.74 12.99 -0.04
C LEU D 267 -0.90 11.68 -0.80
N TYR D 268 -1.58 11.72 -1.95
CA TYR D 268 -1.81 10.47 -2.65
C TYR D 268 -0.58 9.96 -3.38
N GLU D 269 0.36 10.85 -3.72
CA GLU D 269 1.65 10.40 -4.21
C GLU D 269 2.45 9.69 -3.12
N ALA D 270 2.37 10.20 -1.90
CA ALA D 270 3.03 9.52 -0.79
C ALA D 270 2.37 8.16 -0.61
N LEU D 271 1.04 8.12 -0.67
CA LEU D 271 0.31 6.88 -0.51
C LEU D 271 0.67 5.87 -1.61
N ARG D 272 0.85 6.35 -2.83
CA ARG D 272 1.23 5.48 -3.92
C ARG D 272 2.58 4.83 -3.60
N GLN D 273 3.53 5.61 -3.11
CA GLN D 273 4.83 5.07 -2.79
C GLN D 273 4.77 4.07 -1.64
N ARG D 274 3.96 4.39 -0.65
CA ARG D 274 3.74 3.54 0.51
C ARG D 274 3.00 2.24 0.20
N SER D 275 2.22 2.26 -0.87
CA SER D 275 1.48 1.12 -1.34
C SER D 275 2.31 0.23 -2.28
N GLY D 276 3.57 0.57 -2.51
CA GLY D 276 4.44 -0.21 -3.36
C GLY D 276 5.02 0.46 -4.58
N GLY D 277 4.68 1.71 -4.80
CA GLY D 277 5.17 2.40 -5.97
C GLY D 277 6.55 2.99 -5.76
N ALA D 278 7.28 3.12 -6.83
CA ALA D 278 8.62 3.68 -6.68
C ALA D 278 8.63 5.14 -7.08
N PRO D 279 9.49 5.95 -6.46
CA PRO D 279 9.68 7.32 -6.92
C PRO D 279 10.02 7.36 -8.40
N LEU D 280 9.59 8.41 -9.08
CA LEU D 280 9.87 8.53 -10.49
C LEU D 280 11.34 8.88 -10.64
C1 CIT E . 30.51 1.41 0.98
O1 CIT E . 30.12 0.99 -0.12
O2 CIT E . 30.36 2.60 1.35
C2 CIT E . 31.19 0.47 1.93
C3 CIT E . 31.96 -0.63 1.20
O7 CIT E . 32.91 -0.04 0.30
C4 CIT E . 32.67 -1.45 2.26
C5 CIT E . 33.45 -2.62 1.69
O3 CIT E . 33.28 -2.94 0.50
O4 CIT E . 34.24 -3.21 2.45
C6 CIT E . 30.98 -1.51 0.46
O5 CIT E . 30.16 -2.15 1.12
O6 CIT E . 31.04 -1.56 -0.79
#